data_4EU1
#
_entry.id   4EU1
#
_cell.length_a   62.260
_cell.length_b   96.250
_cell.length_c   81.320
_cell.angle_alpha   90.000
_cell.angle_beta   111.620
_cell.angle_gamma   90.000
#
_symmetry.space_group_name_H-M   'P 1 21 1'
#
loop_
_entity.id
_entity.type
_entity.pdbx_description
1 polymer 'Mitochondrial aspartate aminotransferase'
2 non-polymer 1,2-ETHANEDIOL
3 non-polymer 'CHLORIDE ION'
4 water water
#
_entity_poly.entity_id   1
_entity_poly.type   'polypeptide(L)'
_entity_poly.pdbx_seq_one_letter_code
;MAHHHHHHMGTLEAQTQGPGSMGKPDPILGLGQDFRMDPAKRKVNLSIGVYRDDADQPFVLECVKQATLGTNMDYAPVTG
IASFVEEAQKLCFGPTCAALRDGRIASCQTLGGTGALRIGGDLLNRFVANCNRIYGPDVGYPNHESIFAKAGMELTPYSY
YDPATKGLNLAGMLECLDKAPEGSVILVHACAHNPTGVDPTHDDWRQVCDVIKRRNHIPFVDMAYQGFATGQLDYDAFVP
RHLVDMVPNLIVAQSFS(LLP)NFGLYGHRCGALHISTASAEEAKRLVSQLALLIRPMYNNPPLYGAWVVSSILKDPQLT
ALWKKELKQMSSRIAEVRKRLVSELKACGSVHDWSHIERQVGMMAYTGLTREQVELLRSEYHIYMTLNGRAAVSGLNSTN
VEYVSQAIHNVTK
;
_entity_poly.pdbx_strand_id   A,B
#
loop_
_chem_comp.id
_chem_comp.type
_chem_comp.name
_chem_comp.formula
CL non-polymer 'CHLORIDE ION' 'Cl -1'
EDO non-polymer 1,2-ETHANEDIOL 'C2 H6 O2'
#
# COMPACT_ATOMS: atom_id res chain seq x y z
N PRO A 27 -0.76 -0.99 -22.51
CA PRO A 27 -1.04 -2.36 -22.07
C PRO A 27 0.20 -3.26 -22.13
N ILE A 28 1.15 -3.01 -21.24
CA ILE A 28 2.31 -3.88 -21.10
C ILE A 28 1.88 -5.31 -20.73
N LEU A 29 0.80 -5.45 -19.94
CA LEU A 29 0.32 -6.76 -19.43
C LEU A 29 -0.06 -7.72 -20.57
N GLY A 30 -0.80 -7.21 -21.56
CA GLY A 30 -1.13 -7.95 -22.79
C GLY A 30 0.09 -8.33 -23.63
N LEU A 31 1.05 -7.40 -23.74
CA LEU A 31 2.31 -7.69 -24.43
C LEU A 31 3.12 -8.76 -23.70
N GLY A 32 3.11 -8.70 -22.37
CA GLY A 32 3.72 -9.74 -21.55
C GLY A 32 3.12 -11.12 -21.81
N GLN A 33 1.78 -11.23 -21.71
CA GLN A 33 1.09 -12.53 -21.86
C GLN A 33 1.28 -13.11 -23.26
N ASP A 34 1.27 -12.25 -24.29
CA ASP A 34 1.48 -12.70 -25.68
C ASP A 34 2.91 -13.17 -25.88
N PHE A 35 3.87 -12.41 -25.36
CA PHE A 35 5.27 -12.77 -25.46
C PHE A 35 5.50 -14.17 -24.89
N ARG A 36 4.98 -14.37 -23.67
CA ARG A 36 5.08 -15.66 -22.98
C ARG A 36 4.55 -16.79 -23.84
N MET A 37 3.35 -16.58 -24.40
CA MET A 37 2.66 -17.61 -25.19
C MET A 37 3.25 -17.79 -26.60
N ASP A 38 4.06 -16.82 -27.07
CA ASP A 38 4.69 -16.93 -28.39
C ASP A 38 5.64 -18.14 -28.46
N PRO A 39 5.42 -19.05 -29.43
CA PRO A 39 6.26 -20.26 -29.55
C PRO A 39 7.63 -20.10 -30.21
N ALA A 40 7.87 -18.98 -30.89
CA ALA A 40 9.12 -18.79 -31.63
C ALA A 40 10.36 -19.06 -30.76
N LYS A 41 11.39 -19.61 -31.39
CA LYS A 41 12.66 -19.87 -30.70
C LYS A 41 13.39 -18.57 -30.35
N ARG A 42 13.41 -17.63 -31.30
CA ARG A 42 14.01 -16.31 -31.11
CA ARG A 42 14.01 -16.30 -31.08
C ARG A 42 12.95 -15.23 -30.83
N LYS A 43 12.81 -14.86 -29.57
CA LYS A 43 11.85 -13.86 -29.15
C LYS A 43 12.55 -12.94 -28.17
N VAL A 44 12.11 -11.68 -28.11
CA VAL A 44 12.70 -10.69 -27.22
C VAL A 44 11.63 -9.77 -26.66
N ASN A 45 11.67 -9.53 -25.36
CA ASN A 45 10.67 -8.70 -24.69
C ASN A 45 11.27 -7.32 -24.37
N LEU A 46 10.82 -6.31 -25.10
CA LEU A 46 11.31 -4.95 -24.90
C LEU A 46 10.20 -4.06 -24.37
N SER A 47 9.21 -4.67 -23.71
CA SER A 47 8.13 -3.93 -23.10
C SER A 47 8.13 -4.01 -21.58
N ILE A 48 9.09 -4.72 -20.99
CA ILE A 48 9.17 -4.87 -19.53
C ILE A 48 9.34 -3.54 -18.82
N GLY A 49 8.88 -3.48 -17.56
CA GLY A 49 9.07 -2.30 -16.70
C GLY A 49 10.18 -2.43 -15.66
N VAL A 50 10.90 -3.56 -15.67
CA VAL A 50 11.88 -3.84 -14.64
C VAL A 50 13.29 -4.06 -15.20
N TYR A 51 14.29 -3.82 -14.36
CA TYR A 51 15.66 -4.02 -14.73
C TYR A 51 15.95 -5.53 -14.83
N ARG A 52 16.81 -5.87 -15.76
CA ARG A 52 17.34 -7.23 -15.92
C ARG A 52 18.85 -7.14 -16.05
N ASP A 53 19.57 -8.17 -15.63
CA ASP A 53 21.01 -8.23 -15.81
C ASP A 53 21.35 -8.72 -17.22
N ASP A 54 22.63 -8.97 -17.51
CA ASP A 54 23.05 -9.36 -18.87
C ASP A 54 22.57 -10.73 -19.31
N ALA A 55 22.18 -11.56 -18.34
CA ALA A 55 21.69 -12.90 -18.64
C ALA A 55 20.17 -12.91 -18.56
N ASP A 56 19.57 -11.73 -18.70
CA ASP A 56 18.12 -11.58 -18.69
C ASP A 56 17.48 -12.05 -17.38
N GLN A 57 18.20 -11.92 -16.26
CA GLN A 57 17.66 -12.36 -14.95
C GLN A 57 17.24 -11.16 -14.09
N PRO A 58 16.25 -11.36 -13.21
CA PRO A 58 15.98 -10.35 -12.20
C PRO A 58 17.23 -10.17 -11.34
N PHE A 59 17.38 -9.00 -10.76
CA PHE A 59 18.60 -8.63 -10.09
C PHE A 59 18.33 -8.07 -8.70
N VAL A 60 18.52 -8.91 -7.68
CA VAL A 60 18.46 -8.50 -6.28
C VAL A 60 19.83 -8.04 -5.87
N LEU A 61 19.96 -6.77 -5.51
CA LEU A 61 21.25 -6.19 -5.18
C LEU A 61 21.83 -6.89 -3.97
N GLU A 62 23.17 -7.07 -3.97
CA GLU A 62 23.88 -7.67 -2.85
C GLU A 62 23.73 -6.82 -1.60
N CYS A 63 23.70 -5.49 -1.76
CA CYS A 63 23.55 -4.62 -0.59
C CYS A 63 22.19 -4.87 0.08
N VAL A 64 21.20 -5.23 -0.73
CA VAL A 64 19.86 -5.57 -0.26
C VAL A 64 19.86 -6.92 0.41
N LYS A 65 20.47 -7.91 -0.21
CA LYS A 65 20.60 -9.23 0.40
C LYS A 65 21.32 -9.13 1.76
N GLN A 66 22.25 -8.18 1.89
CA GLN A 66 23.05 -8.05 3.11
C GLN A 66 22.41 -7.11 4.15
N ALA A 67 21.31 -6.45 3.80
CA ALA A 67 20.65 -5.52 4.72
C ALA A 67 20.10 -6.22 5.96
N THR A 68 20.11 -5.50 7.09
CA THR A 68 19.60 -6.04 8.35
C THR A 68 18.11 -5.76 8.42
N LEU A 69 17.31 -6.83 8.60
CA LEU A 69 15.87 -6.71 8.76
C LEU A 69 15.45 -6.59 10.22
N GLY A 70 14.27 -6.03 10.43
CA GLY A 70 13.67 -5.88 11.75
C GLY A 70 13.36 -7.21 12.41
N THR A 71 13.19 -7.15 13.73
CA THR A 71 13.02 -8.33 14.57
C THR A 71 11.54 -8.72 14.66
N ASN A 72 10.64 -7.77 14.51
CA ASN A 72 9.20 -8.06 14.63
C ASN A 72 8.41 -7.55 13.43
N MET A 73 7.12 -7.82 13.44
CA MET A 73 6.21 -7.47 12.36
C MET A 73 5.13 -6.50 12.77
N ASP A 74 5.28 -5.84 13.92
CA ASP A 74 4.30 -4.81 14.34
C ASP A 74 4.13 -3.74 13.26
N TYR A 75 2.99 -3.07 13.28
CA TYR A 75 2.76 -1.98 12.33
C TYR A 75 3.83 -0.94 12.48
N ALA A 76 4.33 -0.40 11.38
CA ALA A 76 5.12 0.81 11.44
C ALA A 76 4.16 1.96 11.74
N PRO A 77 4.70 3.13 12.11
CA PRO A 77 3.87 4.34 12.22
C PRO A 77 3.20 4.70 10.89
N VAL A 78 2.06 5.37 10.95
CA VAL A 78 1.30 5.73 9.76
C VAL A 78 2.19 6.38 8.70
N THR A 79 3.12 7.22 9.14
CA THR A 79 3.99 7.96 8.23
C THR A 79 5.28 7.21 7.94
N GLY A 80 5.40 5.99 8.47
CA GLY A 80 6.53 5.14 8.14
C GLY A 80 7.58 5.04 9.23
N ILE A 81 8.55 4.18 8.99
CA ILE A 81 9.65 4.01 9.93
C ILE A 81 10.46 5.28 9.88
N ALA A 82 10.57 5.92 11.04
CA ALA A 82 11.18 7.25 11.16
C ALA A 82 12.60 7.27 10.59
N SER A 83 13.39 6.24 10.90
CA SER A 83 14.77 6.19 10.45
C SER A 83 14.84 6.14 8.91
N PHE A 84 13.93 5.37 8.31
CA PHE A 84 13.81 5.29 6.86
C PHE A 84 13.50 6.67 6.28
N VAL A 85 12.49 7.32 6.84
CA VAL A 85 12.04 8.60 6.30
C VAL A 85 13.18 9.60 6.33
N GLU A 86 13.96 9.61 7.43
CA GLU A 86 15.06 10.56 7.56
C GLU A 86 16.17 10.27 6.56
N GLU A 87 16.48 8.99 6.32
CA GLU A 87 17.51 8.67 5.33
C GLU A 87 17.04 8.99 3.92
N ALA A 88 15.75 8.79 3.65
CA ALA A 88 15.17 9.10 2.35
C ALA A 88 15.34 10.59 2.08
N GLN A 89 15.00 11.41 3.08
CA GLN A 89 15.22 12.86 3.03
C GLN A 89 16.67 13.24 2.69
N LYS A 90 17.64 12.68 3.40
CA LYS A 90 19.05 13.03 3.18
C LYS A 90 19.54 12.61 1.79
N LEU A 91 19.07 11.46 1.32
CA LEU A 91 19.43 10.93 0.01
C LEU A 91 18.90 11.84 -1.12
N CYS A 92 17.64 12.26 -0.97
CA CYS A 92 16.99 13.16 -1.91
C CYS A 92 17.65 14.52 -1.99
N PHE A 93 17.76 15.19 -0.83
CA PHE A 93 18.19 16.59 -0.77
C PHE A 93 19.66 16.83 -0.48
N GLY A 94 20.39 15.79 -0.12
CA GLY A 94 21.81 15.94 0.20
C GLY A 94 22.09 16.30 1.64
N PRO A 95 23.40 16.32 2.01
CA PRO A 95 23.95 16.46 3.40
C PRO A 95 24.10 17.89 3.96
N THR A 96 23.90 18.88 3.08
CA THR A 96 23.96 20.29 3.43
C THR A 96 22.71 20.95 2.80
N CYS A 97 21.53 20.44 3.14
CA CYS A 97 20.28 21.09 2.74
C CYS A 97 19.71 21.89 3.91
N ALA A 98 19.66 23.21 3.73
CA ALA A 98 19.21 24.11 4.80
C ALA A 98 17.77 23.79 5.16
N ALA A 99 16.94 23.64 4.14
CA ALA A 99 15.54 23.24 4.33
C ALA A 99 15.42 22.04 5.27
N LEU A 100 16.33 21.09 5.10
CA LEU A 100 16.31 19.87 5.90
C LEU A 100 16.82 20.16 7.31
N ARG A 101 17.89 20.96 7.42
CA ARG A 101 18.41 21.42 8.74
C ARG A 101 17.35 22.16 9.53
N ASP A 102 16.60 23.03 8.87
CA ASP A 102 15.58 23.84 9.54
C ASP A 102 14.27 23.08 9.81
N GLY A 103 14.15 21.84 9.33
CA GLY A 103 12.94 21.05 9.59
C GLY A 103 11.74 21.52 8.78
N ARG A 104 11.98 22.16 7.63
CA ARG A 104 10.89 22.75 6.82
C ARG A 104 10.24 21.73 5.86
N ILE A 105 10.80 20.54 5.75
CA ILE A 105 10.29 19.56 4.80
C ILE A 105 9.40 18.50 5.50
N ALA A 106 8.17 18.37 5.03
CA ALA A 106 7.21 17.38 5.55
C ALA A 106 7.37 16.08 4.78
N SER A 107 7.63 14.94 5.45
CA SER A 107 7.95 13.71 4.75
C SER A 107 7.28 12.48 5.32
N CYS A 108 7.04 11.51 4.45
CA CYS A 108 6.51 10.23 4.89
C CYS A 108 6.90 9.14 3.93
N GLN A 109 6.76 7.90 4.40
CA GLN A 109 6.99 6.70 3.60
C GLN A 109 5.73 6.44 2.81
N THR A 110 5.90 5.87 1.61
CA THR A 110 4.80 5.67 0.71
C THR A 110 4.93 4.33 -0.01
N LEU A 111 3.83 3.92 -0.63
CA LEU A 111 3.77 2.73 -1.42
C LEU A 111 4.43 2.98 -2.80
N GLY A 112 5.76 2.91 -2.82
CA GLY A 112 6.54 3.22 -4.02
C GLY A 112 6.40 4.67 -4.41
N GLY A 113 6.94 5.02 -5.57
CA GLY A 113 6.73 6.34 -6.13
C GLY A 113 5.26 6.61 -6.42
N THR A 114 4.50 5.56 -6.75
CA THR A 114 3.09 5.67 -7.07
C THR A 114 2.33 6.27 -5.89
N GLY A 115 2.57 5.72 -4.71
CA GLY A 115 1.87 6.20 -3.51
C GLY A 115 2.20 7.65 -3.19
N ALA A 116 3.45 8.05 -3.41
CA ALA A 116 3.88 9.43 -3.19
C ALA A 116 3.17 10.36 -4.15
N LEU A 117 2.99 9.92 -5.39
CA LEU A 117 2.29 10.72 -6.38
C LEU A 117 0.83 10.92 -5.97
N ARG A 118 0.18 9.84 -5.54
CA ARG A 118 -1.21 9.87 -5.16
C ARG A 118 -1.42 10.68 -3.89
N ILE A 119 -0.65 10.34 -2.85
CA ILE A 119 -0.85 11.01 -1.56
C ILE A 119 -0.49 12.51 -1.70
N GLY A 120 0.58 12.80 -2.46
CA GLY A 120 0.96 14.16 -2.76
C GLY A 120 -0.16 14.93 -3.41
N GLY A 121 -0.75 14.32 -4.44
CA GLY A 121 -1.83 14.93 -5.18
C GLY A 121 -3.03 15.17 -4.32
N ASP A 122 -3.35 14.20 -3.47
CA ASP A 122 -4.48 14.32 -2.56
C ASP A 122 -4.25 15.40 -1.49
N LEU A 123 -2.97 15.66 -1.16
CA LEU A 123 -2.56 16.75 -0.26
C LEU A 123 -2.51 18.15 -0.90
N LEU A 124 -2.29 18.26 -2.20
CA LEU A 124 -2.03 19.60 -2.81
C LEU A 124 -3.00 20.72 -2.38
N ASN A 125 -4.27 20.40 -2.25
CA ASN A 125 -5.26 21.41 -1.88
C ASN A 125 -5.11 21.92 -0.44
N ARG A 126 -4.18 21.37 0.34
CA ARG A 126 -3.75 22.00 1.60
C ARG A 126 -2.85 23.21 1.42
N PHE A 127 -2.13 23.32 0.31
CA PHE A 127 -1.25 24.44 0.09
C PHE A 127 -1.28 25.09 -1.30
N VAL A 128 -2.03 24.52 -2.25
CA VAL A 128 -2.18 25.10 -3.57
C VAL A 128 -3.60 25.60 -3.82
N ALA A 129 -3.70 26.86 -4.20
CA ALA A 129 -4.99 27.48 -4.54
C ALA A 129 -5.58 26.87 -5.82
N ASN A 130 -6.90 26.70 -5.84
CA ASN A 130 -7.64 26.46 -7.08
C ASN A 130 -7.04 25.26 -7.82
N CYS A 131 -6.98 24.16 -7.08
CA CYS A 131 -6.15 23.04 -7.41
C CYS A 131 -6.92 21.99 -8.20
N ASN A 132 -7.14 22.26 -9.48
CA ASN A 132 -7.89 21.36 -10.34
C ASN A 132 -7.17 20.99 -11.64
N ARG A 133 -5.93 21.41 -11.77
CA ARG A 133 -5.17 21.15 -12.98
C ARG A 133 -3.73 20.89 -12.59
N ILE A 134 -3.05 20.01 -13.32
CA ILE A 134 -1.61 19.79 -13.18
C ILE A 134 -0.99 19.64 -14.59
N TYR A 135 0.15 20.28 -14.82
CA TYR A 135 0.84 20.23 -16.12
C TYR A 135 1.95 19.20 -16.13
N GLY A 136 1.96 18.33 -17.15
CA GLY A 136 3.02 17.34 -17.32
C GLY A 136 3.52 17.32 -18.76
N PRO A 137 4.66 16.64 -19.00
CA PRO A 137 5.16 16.58 -20.37
C PRO A 137 4.20 15.86 -21.31
N ASP A 138 4.18 16.32 -22.56
CA ASP A 138 3.24 15.88 -23.59
C ASP A 138 3.32 14.38 -23.89
N VAL A 139 4.51 13.83 -23.75
CA VAL A 139 4.71 12.39 -23.77
C VAL A 139 5.22 12.09 -22.37
N GLY A 140 4.48 11.29 -21.63
CA GLY A 140 4.84 11.03 -20.25
C GLY A 140 4.42 9.69 -19.68
N TYR A 141 4.54 9.61 -18.36
CA TYR A 141 4.30 8.38 -17.63
C TYR A 141 2.79 8.12 -17.62
N PRO A 142 2.35 6.98 -18.21
CA PRO A 142 0.94 6.63 -18.33
C PRO A 142 0.09 6.80 -17.06
N ASN A 143 0.54 6.26 -15.92
CA ASN A 143 -0.28 6.26 -14.69
C ASN A 143 -0.51 7.68 -14.10
N HIS A 144 0.28 8.68 -14.51
CA HIS A 144 0.08 10.03 -13.99
C HIS A 144 -1.30 10.59 -14.17
N GLU A 145 -1.89 10.40 -15.35
CA GLU A 145 -3.23 10.95 -15.63
C GLU A 145 -4.26 10.45 -14.63
N SER A 146 -4.29 9.14 -14.43
CA SER A 146 -5.26 8.56 -13.54
C SER A 146 -4.94 8.88 -12.09
N ILE A 147 -3.67 8.85 -11.71
CA ILE A 147 -3.27 9.20 -10.34
C ILE A 147 -3.82 10.60 -9.96
N PHE A 148 -3.47 11.60 -10.77
CA PHE A 148 -3.93 12.94 -10.50
C PHE A 148 -5.43 13.17 -10.72
N ALA A 149 -6.07 12.45 -11.65
CA ALA A 149 -7.54 12.50 -11.79
C ALA A 149 -8.23 12.04 -10.49
N LYS A 150 -7.74 10.97 -9.88
CA LYS A 150 -8.30 10.52 -8.59
C LYS A 150 -8.14 11.58 -7.47
N ALA A 151 -7.08 12.39 -7.56
CA ALA A 151 -6.85 13.49 -6.61
C ALA A 151 -7.51 14.79 -7.05
N GLY A 152 -8.34 14.74 -8.11
CA GLY A 152 -9.19 15.86 -8.52
C GLY A 152 -8.51 16.84 -9.45
N MET A 153 -7.46 16.40 -10.14
CA MET A 153 -6.71 17.30 -11.01
C MET A 153 -6.60 16.73 -12.40
N GLU A 154 -6.83 17.59 -13.38
CA GLU A 154 -6.75 17.22 -14.78
C GLU A 154 -5.31 17.42 -15.27
N LEU A 155 -4.73 16.37 -15.85
CA LEU A 155 -3.37 16.43 -16.40
C LEU A 155 -3.42 17.14 -17.75
N THR A 156 -2.67 18.25 -17.88
CA THR A 156 -2.61 19.03 -19.13
C THR A 156 -1.16 19.06 -19.63
N PRO A 157 -0.96 19.00 -20.94
CA PRO A 157 0.40 18.85 -21.45
C PRO A 157 1.17 20.15 -21.61
N TYR A 158 2.48 20.08 -21.38
CA TYR A 158 3.39 21.10 -21.88
C TYR A 158 4.33 20.43 -22.86
N SER A 159 4.85 21.24 -23.78
CA SER A 159 5.70 20.75 -24.85
C SER A 159 6.97 20.21 -24.25
N TYR A 160 7.39 19.04 -24.70
CA TYR A 160 8.56 18.39 -24.14
C TYR A 160 9.32 17.51 -25.14
N TYR A 161 8.68 16.48 -25.66
CA TYR A 161 9.34 15.55 -26.61
C TYR A 161 9.16 16.05 -28.03
N ASP A 162 10.25 16.03 -28.79
CA ASP A 162 10.25 16.39 -30.22
C ASP A 162 10.36 15.08 -31.01
N PRO A 163 9.28 14.65 -31.70
CA PRO A 163 9.36 13.36 -32.41
C PRO A 163 10.31 13.36 -33.63
N ALA A 164 10.60 14.54 -34.17
CA ALA A 164 11.54 14.64 -35.29
C ALA A 164 12.96 14.17 -34.91
N THR A 165 13.37 14.49 -33.67
CA THR A 165 14.73 14.22 -33.16
C THR A 165 14.74 13.15 -32.06
N LYS A 166 13.57 12.64 -31.71
CA LYS A 166 13.45 11.82 -30.51
C LYS A 166 14.29 12.44 -29.34
N GLY A 167 14.18 13.77 -29.22
CA GLY A 167 14.93 14.63 -28.28
C GLY A 167 14.02 15.69 -27.62
N LEU A 168 14.64 16.70 -27.01
CA LEU A 168 13.94 17.67 -26.17
C LEU A 168 13.53 18.85 -27.00
N ASN A 169 12.40 19.45 -26.64
CA ASN A 169 11.94 20.73 -27.21
C ASN A 169 11.88 21.74 -26.07
N LEU A 170 13.04 22.25 -25.68
CA LEU A 170 13.18 23.17 -24.57
C LEU A 170 12.39 24.45 -24.78
N ALA A 171 12.62 25.13 -25.90
CA ALA A 171 11.97 26.41 -26.18
C ALA A 171 10.42 26.25 -26.02
N GLY A 172 9.86 25.14 -26.51
CA GLY A 172 8.42 24.87 -26.35
C GLY A 172 8.02 24.63 -24.90
N MET A 173 8.89 23.95 -24.15
CA MET A 173 8.68 23.73 -22.71
C MET A 173 8.73 25.03 -21.93
N LEU A 174 9.73 25.87 -22.21
CA LEU A 174 9.84 27.15 -21.52
C LEU A 174 8.62 28.03 -21.80
N GLU A 175 8.22 28.10 -23.06
CA GLU A 175 7.08 28.91 -23.45
C GLU A 175 5.75 28.45 -22.80
N CYS A 176 5.50 27.14 -22.78
CA CYS A 176 4.29 26.59 -22.13
C CYS A 176 4.24 26.94 -20.64
N LEU A 177 5.38 26.79 -19.97
CA LEU A 177 5.48 27.08 -18.53
C LEU A 177 5.33 28.58 -18.26
N ASP A 178 5.92 29.40 -19.11
CA ASP A 178 5.80 30.82 -18.97
C ASP A 178 4.35 31.30 -19.11
N LYS A 179 3.59 30.67 -20.02
CA LYS A 179 2.21 31.08 -20.31
C LYS A 179 1.16 30.32 -19.49
N ALA A 180 1.55 29.27 -18.75
CA ALA A 180 0.62 28.63 -17.83
C ALA A 180 0.23 29.66 -16.79
N PRO A 181 -1.04 29.63 -16.34
CA PRO A 181 -1.45 30.57 -15.28
C PRO A 181 -0.59 30.48 -14.02
N GLU A 182 -0.30 31.65 -13.46
CA GLU A 182 0.49 31.76 -12.25
C GLU A 182 0.02 30.78 -11.17
N GLY A 183 0.95 30.17 -10.47
CA GLY A 183 0.61 29.19 -9.46
C GLY A 183 0.05 27.90 -10.02
N SER A 184 0.51 27.51 -11.22
CA SER A 184 0.18 26.18 -11.78
C SER A 184 1.05 25.09 -11.15
N VAL A 185 0.50 23.89 -10.95
CA VAL A 185 1.32 22.76 -10.51
C VAL A 185 2.02 22.13 -11.73
N ILE A 186 3.35 22.05 -11.68
CA ILE A 186 4.15 21.57 -12.79
C ILE A 186 4.86 20.28 -12.45
N LEU A 187 4.46 19.22 -13.14
CA LEU A 187 5.02 17.88 -12.92
C LEU A 187 6.23 17.71 -13.85
N VAL A 188 7.36 17.34 -13.26
CA VAL A 188 8.58 17.10 -14.03
C VAL A 188 9.25 15.83 -13.57
N HIS A 189 9.85 15.11 -14.51
CA HIS A 189 10.59 13.90 -14.19
C HIS A 189 11.98 14.35 -13.81
N ALA A 190 12.50 13.89 -12.66
CA ALA A 190 13.80 14.39 -12.19
C ALA A 190 14.96 13.99 -13.13
N CYS A 191 14.90 12.77 -13.64
CA CYS A 191 15.83 12.25 -14.65
C CYS A 191 15.29 10.95 -15.19
N ALA A 192 15.91 10.47 -16.26
CA ALA A 192 15.47 9.25 -16.93
C ALA A 192 13.98 9.32 -17.21
N HIS A 193 13.61 10.34 -17.95
CA HIS A 193 12.24 10.51 -18.38
C HIS A 193 11.67 9.23 -18.91
N ASN A 194 10.47 8.89 -18.41
CA ASN A 194 9.80 7.64 -18.77
C ASN A 194 8.52 8.05 -19.48
N PRO A 195 8.32 7.62 -20.74
CA PRO A 195 8.98 6.53 -21.50
C PRO A 195 10.08 6.84 -22.54
N THR A 196 10.48 8.09 -22.70
CA THR A 196 11.33 8.47 -23.83
C THR A 196 12.84 8.42 -23.60
N GLY A 197 13.25 8.64 -22.36
CA GLY A 197 14.65 8.76 -21.99
C GLY A 197 15.26 10.12 -22.29
N VAL A 198 14.43 11.06 -22.74
CA VAL A 198 14.88 12.44 -23.02
C VAL A 198 14.85 13.31 -21.77
N ASP A 199 16.01 13.79 -21.36
CA ASP A 199 16.17 14.59 -20.17
C ASP A 199 16.78 15.93 -20.55
N PRO A 200 16.28 17.00 -19.93
CA PRO A 200 17.02 18.25 -20.08
C PRO A 200 18.37 18.13 -19.38
N THR A 201 19.35 18.92 -19.83
CA THR A 201 20.61 19.05 -19.12
C THR A 201 20.40 19.90 -17.86
N HIS A 202 21.42 19.98 -17.01
CA HIS A 202 21.41 20.90 -15.88
C HIS A 202 21.32 22.34 -16.31
N ASP A 203 22.02 22.72 -17.39
CA ASP A 203 21.91 24.06 -17.95
C ASP A 203 20.42 24.29 -18.29
N ASP A 204 19.80 23.35 -19.01
CA ASP A 204 18.39 23.50 -19.40
C ASP A 204 17.52 23.68 -18.14
N TRP A 205 17.78 22.86 -17.13
CA TRP A 205 16.96 22.90 -15.93
C TRP A 205 17.07 24.23 -15.23
N ARG A 206 18.22 24.89 -15.30
CA ARG A 206 18.36 26.21 -14.72
CA ARG A 206 18.37 26.21 -14.72
C ARG A 206 17.34 27.16 -15.34
N GLN A 207 17.20 27.08 -16.66
CA GLN A 207 16.23 27.93 -17.37
C GLN A 207 14.81 27.55 -16.97
N VAL A 208 14.51 26.25 -16.92
CA VAL A 208 13.18 25.78 -16.53
C VAL A 208 12.83 26.28 -15.12
N CYS A 209 13.77 26.14 -14.20
CA CYS A 209 13.52 26.48 -12.81
C CYS A 209 13.29 27.96 -12.59
N ASP A 210 13.97 28.81 -13.37
CA ASP A 210 13.77 30.27 -13.32
C ASP A 210 12.34 30.62 -13.71
N VAL A 211 11.81 29.95 -14.74
CA VAL A 211 10.43 30.18 -15.18
C VAL A 211 9.44 29.78 -14.09
N ILE A 212 9.69 28.63 -13.46
CA ILE A 212 8.85 28.12 -12.38
C ILE A 212 8.82 29.08 -11.20
N LYS A 213 9.98 29.65 -10.84
CA LYS A 213 10.04 30.60 -9.74
C LYS A 213 9.29 31.89 -10.10
N ARG A 214 9.61 32.42 -11.28
CA ARG A 214 9.07 33.70 -11.71
C ARG A 214 7.54 33.66 -11.82
N ARG A 215 7.01 32.55 -12.33
CA ARG A 215 5.56 32.42 -12.51
C ARG A 215 4.85 31.88 -11.25
N ASN A 216 5.58 31.79 -10.13
CA ASN A 216 5.11 31.24 -8.87
C ASN A 216 4.47 29.84 -8.99
N HIS A 217 4.99 29.03 -9.91
CA HIS A 217 4.49 27.68 -10.12
C HIS A 217 4.89 26.75 -9.02
N ILE A 218 4.14 25.67 -8.84
CA ILE A 218 4.43 24.70 -7.81
C ILE A 218 5.00 23.43 -8.45
N PRO A 219 6.30 23.19 -8.26
CA PRO A 219 6.93 22.01 -8.86
C PRO A 219 6.65 20.73 -8.08
N PHE A 220 6.25 19.71 -8.83
CA PHE A 220 6.02 18.37 -8.33
C PHE A 220 7.01 17.47 -9.10
N VAL A 221 8.06 17.01 -8.42
CA VAL A 221 9.11 16.22 -9.03
C VAL A 221 8.85 14.75 -8.79
N ASP A 222 8.72 13.99 -9.89
CA ASP A 222 8.67 12.55 -9.84
C ASP A 222 10.09 12.09 -10.06
N MET A 223 10.72 11.64 -8.97
CA MET A 223 12.08 11.12 -9.00
C MET A 223 12.07 9.60 -8.76
N ALA A 224 11.89 8.85 -9.84
CA ALA A 224 11.83 7.39 -9.81
C ALA A 224 13.18 6.71 -10.07
N TYR A 225 14.20 7.48 -10.45
CA TYR A 225 15.43 6.87 -10.92
C TYR A 225 16.70 7.48 -10.37
N GLN A 226 16.66 8.00 -9.16
CA GLN A 226 17.86 8.64 -8.63
C GLN A 226 18.98 7.62 -8.54
N GLY A 227 20.10 7.94 -9.20
CA GLY A 227 21.29 7.08 -9.20
C GLY A 227 21.23 5.98 -10.23
N PHE A 228 20.05 5.41 -10.43
CA PHE A 228 19.81 4.44 -11.48
C PHE A 228 20.03 5.06 -12.86
N ALA A 229 19.74 6.36 -12.99
CA ALA A 229 19.83 7.03 -14.30
C ALA A 229 21.25 7.05 -14.82
N THR A 230 22.16 7.73 -14.13
CA THR A 230 23.54 7.96 -14.59
C THR A 230 24.61 7.33 -13.71
N GLY A 231 24.17 6.70 -12.62
CA GLY A 231 25.10 6.14 -11.65
C GLY A 231 25.60 7.14 -10.64
N GLN A 232 25.16 8.40 -10.71
CA GLN A 232 25.60 9.44 -9.79
C GLN A 232 24.40 10.03 -9.00
N LEU A 233 24.34 9.71 -7.72
CA LEU A 233 23.20 10.07 -6.89
C LEU A 233 22.96 11.59 -6.80
N ASP A 234 24.03 12.35 -6.61
CA ASP A 234 23.96 13.80 -6.50
C ASP A 234 23.47 14.49 -7.79
N TYR A 235 24.14 14.18 -8.90
CA TYR A 235 23.80 14.72 -10.21
C TYR A 235 22.34 14.41 -10.54
N ASP A 236 21.94 13.16 -10.29
CA ASP A 236 20.59 12.72 -10.61
C ASP A 236 19.49 13.43 -9.77
N ALA A 237 19.87 13.95 -8.62
CA ALA A 237 18.93 14.68 -7.77
C ALA A 237 19.03 16.22 -7.92
N PHE A 238 19.70 16.68 -8.97
CA PHE A 238 19.87 18.10 -9.22
C PHE A 238 18.55 18.87 -9.20
N VAL A 239 17.54 18.36 -9.89
CA VAL A 239 16.29 19.05 -10.00
C VAL A 239 15.63 19.38 -8.64
N PRO A 240 15.42 18.37 -7.78
CA PRO A 240 14.83 18.75 -6.49
C PRO A 240 15.76 19.58 -5.63
N ARG A 241 17.06 19.30 -5.65
CA ARG A 241 18.01 20.09 -4.88
C ARG A 241 18.07 21.54 -5.35
N HIS A 242 18.01 21.75 -6.66
CA HIS A 242 18.07 23.11 -7.19
C HIS A 242 16.79 23.87 -6.88
N LEU A 243 15.64 23.21 -6.98
CA LEU A 243 14.36 23.87 -6.75
C LEU A 243 14.04 24.18 -5.28
N VAL A 244 14.59 23.41 -4.35
CA VAL A 244 14.16 23.50 -2.95
C VAL A 244 14.42 24.87 -2.26
N ASP A 245 15.46 25.60 -2.70
CA ASP A 245 15.76 26.97 -2.20
C ASP A 245 15.10 28.11 -3.02
N MET A 246 14.42 27.77 -4.11
CA MET A 246 13.90 28.74 -5.08
C MET A 246 12.40 29.01 -4.95
N VAL A 247 11.65 28.09 -4.37
CA VAL A 247 10.19 28.20 -4.35
C VAL A 247 9.66 27.96 -2.96
N PRO A 248 8.50 28.52 -2.63
CA PRO A 248 7.94 28.28 -1.30
C PRO A 248 7.58 26.82 -1.04
N ASN A 249 6.99 26.13 -2.01
CA ASN A 249 6.68 24.72 -1.84
C ASN A 249 7.14 23.85 -3.03
N LEU A 250 7.93 22.82 -2.73
CA LEU A 250 8.38 21.79 -3.65
C LEU A 250 7.87 20.44 -3.16
N ILE A 251 7.28 19.67 -4.07
CA ILE A 251 6.85 18.31 -3.79
C ILE A 251 7.83 17.37 -4.52
N VAL A 252 8.28 16.31 -3.83
CA VAL A 252 9.04 15.23 -4.46
C VAL A 252 8.45 13.84 -4.12
N ALA A 253 8.15 13.07 -5.18
CA ALA A 253 7.75 11.69 -5.09
C ALA A 253 8.96 10.85 -5.43
N GLN A 254 9.43 10.09 -4.45
CA GLN A 254 10.70 9.36 -4.56
C GLN A 254 10.48 7.87 -4.55
N SER A 255 10.95 7.17 -5.57
CA SER A 255 10.82 5.71 -5.67
C SER A 255 12.09 5.01 -5.35
N PHE A 256 11.98 3.93 -4.57
CA PHE A 256 13.10 3.04 -4.35
C PHE A 256 12.91 1.74 -5.09
N SER A 257 11.93 1.70 -5.97
CA SER A 257 11.65 0.50 -6.74
C SER A 257 12.76 0.06 -7.70
N1 LLP A 258 6.90 7.46 -11.83
C2 LLP A 258 7.78 7.20 -12.82
C2' LLP A 258 8.25 8.31 -13.73
C3 LLP A 258 8.28 5.83 -13.00
O3 LLP A 258 9.16 5.50 -13.97
C4 LLP A 258 7.81 4.78 -12.08
C4' LLP A 258 8.30 3.36 -12.28
C5 LLP A 258 6.82 5.20 -11.04
C6 LLP A 258 6.43 6.54 -10.98
C5' LLP A 258 6.23 4.20 -10.06
OP4 LLP A 258 7.20 3.75 -9.14
P LLP A 258 6.83 2.67 -8.05
OP1 LLP A 258 5.43 3.01 -7.54
OP2 LLP A 258 6.86 1.33 -8.69
OP3 LLP A 258 7.96 2.87 -7.07
N LLP A 258 13.35 1.02 -8.40
CA LLP A 258 14.36 0.71 -9.41
CB LLP A 258 14.18 1.60 -10.63
CG LLP A 258 12.89 1.26 -11.41
CD LLP A 258 11.78 2.26 -11.11
CE LLP A 258 10.52 2.06 -11.97
NZ LLP A 258 9.67 3.24 -11.83
C LLP A 258 15.74 0.79 -8.82
O LLP A 258 16.56 -0.13 -9.03
N ASN A 259 16.03 1.85 -8.08
CA ASN A 259 17.39 2.06 -7.59
C ASN A 259 17.85 1.11 -6.49
N PHE A 260 16.93 0.60 -5.69
CA PHE A 260 17.25 -0.49 -4.76
C PHE A 260 16.77 -1.85 -5.28
N GLY A 261 16.21 -1.89 -6.49
CA GLY A 261 15.56 -3.10 -6.99
C GLY A 261 14.42 -3.61 -6.08
N LEU A 262 13.76 -2.72 -5.37
CA LEU A 262 12.73 -3.13 -4.41
C LEU A 262 11.30 -3.22 -4.97
N TYR A 263 11.14 -3.02 -6.29
CA TYR A 263 9.86 -3.09 -7.02
C TYR A 263 8.65 -3.51 -6.19
N GLY A 264 8.46 -4.81 -6.05
CA GLY A 264 7.24 -5.36 -5.49
C GLY A 264 7.14 -5.28 -3.97
N HIS A 265 8.18 -4.82 -3.31
CA HIS A 265 8.02 -4.46 -1.90
C HIS A 265 7.39 -3.12 -1.62
N ARG A 266 7.18 -2.32 -2.67
CA ARG A 266 6.43 -1.07 -2.62
C ARG A 266 6.98 -0.07 -1.62
N CYS A 267 8.14 0.50 -1.95
CA CYS A 267 8.86 1.35 -1.04
C CYS A 267 9.20 2.67 -1.70
N GLY A 268 8.72 3.77 -1.14
CA GLY A 268 9.09 5.10 -1.58
C GLY A 268 8.89 6.12 -0.48
N ALA A 269 9.12 7.39 -0.79
CA ALA A 269 8.85 8.45 0.17
C ALA A 269 8.28 9.64 -0.54
N LEU A 270 7.56 10.48 0.21
CA LEU A 270 7.02 11.72 -0.28
C LEU A 270 7.58 12.87 0.56
N HIS A 271 8.00 13.96 -0.12
CA HIS A 271 8.60 15.12 0.53
C HIS A 271 7.93 16.37 0.09
N ILE A 272 7.59 17.26 1.03
CA ILE A 272 7.00 18.55 0.67
C ILE A 272 7.65 19.67 1.46
N SER A 273 8.30 20.59 0.77
CA SER A 273 8.95 21.70 1.46
C SER A 273 7.88 22.74 1.80
N THR A 274 8.12 23.43 2.93
CA THR A 274 7.27 24.50 3.39
C THR A 274 8.14 25.63 3.95
N ALA A 275 7.50 26.69 4.45
CA ALA A 275 8.20 27.85 4.99
C ALA A 275 8.85 27.62 6.36
N SER A 276 8.41 26.62 7.11
CA SER A 276 8.84 26.50 8.51
C SER A 276 8.59 25.12 9.06
N ALA A 277 9.27 24.81 10.15
CA ALA A 277 9.01 23.59 10.92
C ALA A 277 7.50 23.45 11.26
N GLU A 278 6.87 24.53 11.70
CA GLU A 278 5.45 24.50 12.15
C GLU A 278 4.52 24.18 10.97
N GLU A 279 4.82 24.77 9.82
CA GLU A 279 4.09 24.46 8.58
C GLU A 279 4.26 22.97 8.22
N ALA A 280 5.50 22.48 8.33
CA ALA A 280 5.79 21.08 7.99
C ALA A 280 5.06 20.12 8.91
N LYS A 281 5.03 20.43 10.20
CA LYS A 281 4.34 19.57 11.18
C LYS A 281 2.88 19.46 10.80
N ARG A 282 2.22 20.58 10.49
CA ARG A 282 0.83 20.55 10.07
C ARG A 282 0.61 19.66 8.85
N LEU A 283 1.48 19.78 7.85
CA LEU A 283 1.34 18.95 6.67
C LEU A 283 1.54 17.46 6.98
N VAL A 284 2.50 17.12 7.84
CA VAL A 284 2.76 15.71 8.18
C VAL A 284 1.51 15.10 8.81
N SER A 285 0.86 15.87 9.67
CA SER A 285 -0.31 15.36 10.35
C SER A 285 -1.47 15.25 9.34
N GLN A 286 -1.49 16.10 8.30
CA GLN A 286 -2.49 15.97 7.23
C GLN A 286 -2.15 14.77 6.32
N LEU A 287 -0.86 14.49 6.11
CA LEU A 287 -0.44 13.27 5.41
C LEU A 287 -1.01 12.05 6.13
N ALA A 288 -0.88 12.01 7.45
CA ALA A 288 -1.40 10.91 8.25
C ALA A 288 -2.90 10.69 7.99
N LEU A 289 -3.64 11.80 7.89
CA LEU A 289 -5.07 11.77 7.66
C LEU A 289 -5.45 11.24 6.26
N LEU A 290 -4.55 11.34 5.30
CA LEU A 290 -4.75 10.74 4.00
C LEU A 290 -4.35 9.28 4.01
N ILE A 291 -3.27 8.95 4.69
CA ILE A 291 -2.72 7.58 4.72
C ILE A 291 -3.64 6.62 5.47
N ARG A 292 -4.13 7.04 6.64
CA ARG A 292 -4.83 6.11 7.51
C ARG A 292 -6.04 5.45 6.85
N PRO A 293 -6.95 6.25 6.29
CA PRO A 293 -8.13 5.70 5.63
C PRO A 293 -7.87 5.14 4.22
N MET A 294 -6.64 5.15 3.75
CA MET A 294 -6.29 4.47 2.49
C MET A 294 -5.70 3.07 2.74
N TYR A 295 -4.70 3.00 3.60
CA TYR A 295 -4.05 1.72 3.91
C TYR A 295 -3.49 1.62 5.32
N ASN A 296 -3.80 2.58 6.19
CA ASN A 296 -3.45 2.52 7.63
C ASN A 296 -1.99 2.86 7.89
N ASN A 297 -1.10 2.03 7.39
CA ASN A 297 0.32 2.22 7.59
C ASN A 297 1.10 1.39 6.56
N PRO A 298 2.37 1.72 6.29
CA PRO A 298 3.04 1.19 5.11
C PRO A 298 3.84 -0.09 5.39
N PRO A 299 4.18 -0.83 4.34
CA PRO A 299 4.92 -2.11 4.50
C PRO A 299 6.38 -1.93 4.97
N LEU A 300 6.75 -2.71 5.98
CA LEU A 300 8.05 -2.62 6.66
C LEU A 300 9.27 -2.92 5.78
N TYR A 301 9.17 -3.97 4.95
CA TYR A 301 10.32 -4.69 4.43
C TYR A 301 11.26 -3.72 3.73
N GLY A 302 10.71 -2.98 2.77
CA GLY A 302 11.49 -2.06 1.97
C GLY A 302 12.13 -0.96 2.83
N ALA A 303 11.41 -0.52 3.86
CA ALA A 303 11.93 0.52 4.73
C ALA A 303 13.12 0.04 5.52
N TRP A 304 13.01 -1.17 6.07
CA TRP A 304 14.14 -1.80 6.75
C TRP A 304 15.35 -1.78 5.87
N VAL A 305 15.18 -2.28 4.65
CA VAL A 305 16.31 -2.45 3.75
C VAL A 305 16.99 -1.14 3.47
N VAL A 306 16.21 -0.14 3.01
CA VAL A 306 16.75 1.14 2.65
C VAL A 306 17.38 1.84 3.86
N SER A 307 16.72 1.79 5.00
CA SER A 307 17.28 2.38 6.23
C SER A 307 18.61 1.71 6.61
N SER A 308 18.62 0.39 6.61
CA SER A 308 19.81 -0.34 7.00
C SER A 308 21.00 -0.02 6.09
N ILE A 309 20.78 -0.02 4.77
CA ILE A 309 21.83 0.25 3.81
C ILE A 309 22.41 1.65 3.96
N LEU A 310 21.52 2.65 4.00
CA LEU A 310 21.96 4.04 4.04
C LEU A 310 22.65 4.42 5.36
N LYS A 311 22.38 3.69 6.43
CA LYS A 311 23.03 3.98 7.71
C LYS A 311 24.36 3.25 7.88
N ASP A 312 24.65 2.31 7.00
CA ASP A 312 25.87 1.56 7.10
C ASP A 312 26.81 2.05 6.00
N PRO A 313 28.01 2.56 6.36
CA PRO A 313 28.91 3.06 5.31
C PRO A 313 29.33 1.99 4.29
N GLN A 314 29.47 0.76 4.75
CA GLN A 314 29.91 -0.36 3.92
C GLN A 314 28.78 -0.73 2.90
N LEU A 315 27.55 -0.82 3.36
CA LEU A 315 26.41 -1.11 2.47
C LEU A 315 26.15 0.04 1.51
N THR A 316 26.31 1.27 1.99
CA THR A 316 26.14 2.46 1.13
C THR A 316 27.16 2.45 -0.01
N ALA A 317 28.42 2.16 0.30
CA ALA A 317 29.45 2.09 -0.76
C ALA A 317 29.14 0.98 -1.76
N LEU A 318 28.70 -0.17 -1.27
CA LEU A 318 28.35 -1.29 -2.12
C LEU A 318 27.21 -0.90 -3.03
N TRP A 319 26.17 -0.33 -2.44
CA TRP A 319 25.02 0.15 -3.18
C TRP A 319 25.44 1.10 -4.30
N LYS A 320 26.31 2.06 -3.99
CA LYS A 320 26.73 3.04 -4.98
C LYS A 320 27.41 2.35 -6.16
N LYS A 321 28.23 1.34 -5.88
CA LYS A 321 28.87 0.59 -6.95
C LYS A 321 27.88 -0.21 -7.76
N GLU A 322 26.92 -0.81 -7.09
CA GLU A 322 25.92 -1.61 -7.79
C GLU A 322 25.04 -0.73 -8.67
N LEU A 323 24.75 0.48 -8.21
CA LEU A 323 24.03 1.46 -9.02
C LEU A 323 24.77 1.78 -10.30
N LYS A 324 26.07 2.01 -10.18
CA LYS A 324 26.89 2.28 -11.35
C LYS A 324 26.90 1.11 -12.31
N GLN A 325 26.88 -0.11 -11.78
CA GLN A 325 26.85 -1.28 -12.65
C GLN A 325 25.58 -1.34 -13.45
N MET A 326 24.47 -1.05 -12.80
CA MET A 326 23.20 -1.04 -13.48
C MET A 326 23.18 0.05 -14.56
N SER A 327 23.56 1.27 -14.17
CA SER A 327 23.51 2.43 -15.08
C SER A 327 24.53 2.29 -16.23
N SER A 328 25.70 1.71 -15.96
CA SER A 328 26.69 1.43 -17.02
C SER A 328 26.21 0.40 -18.03
N ARG A 329 25.55 -0.65 -17.57
CA ARG A 329 25.05 -1.66 -18.50
C ARG A 329 23.99 -1.07 -19.44
N ILE A 330 23.06 -0.27 -18.90
CA ILE A 330 22.04 0.35 -19.71
C ILE A 330 22.73 1.24 -20.78
N ALA A 331 23.66 2.12 -20.36
CA ALA A 331 24.30 3.03 -21.31
C ALA A 331 25.19 2.28 -22.31
N GLU A 332 25.83 1.18 -21.90
CA GLU A 332 26.66 0.40 -22.85
C GLU A 332 25.80 -0.35 -23.88
N VAL A 333 24.66 -0.86 -23.47
CA VAL A 333 23.81 -1.57 -24.41
C VAL A 333 23.12 -0.61 -25.39
N ARG A 334 22.84 0.62 -24.96
CA ARG A 334 22.37 1.65 -25.87
C ARG A 334 23.44 1.94 -26.94
N LYS A 335 24.67 2.12 -26.46
CA LYS A 335 25.78 2.45 -27.32
C LYS A 335 26.10 1.28 -28.27
N ARG A 336 25.90 0.06 -27.80
CA ARG A 336 26.10 -1.13 -28.62
C ARG A 336 25.05 -1.27 -29.71
N LEU A 337 23.79 -1.00 -29.38
CA LEU A 337 22.70 -1.06 -30.34
C LEU A 337 23.00 -0.11 -31.48
N VAL A 338 23.42 1.11 -31.13
CA VAL A 338 23.79 2.07 -32.15
C VAL A 338 24.96 1.56 -33.04
N SER A 339 25.98 0.95 -32.45
CA SER A 339 27.13 0.48 -33.26
C SER A 339 26.75 -0.72 -34.11
N GLU A 340 25.90 -1.58 -33.58
CA GLU A 340 25.44 -2.73 -34.33
C GLU A 340 24.54 -2.31 -35.47
N LEU A 341 23.73 -1.29 -35.25
CA LEU A 341 22.89 -0.75 -36.33
C LEU A 341 23.76 -0.25 -37.47
N LYS A 342 24.81 0.48 -37.15
CA LYS A 342 25.77 0.94 -38.15
C LYS A 342 26.47 -0.24 -38.86
N ALA A 343 26.91 -1.24 -38.10
CA ALA A 343 27.57 -2.43 -38.68
C ALA A 343 26.62 -3.28 -39.55
N CYS A 344 25.33 -3.24 -39.27
CA CYS A 344 24.33 -3.90 -40.14
C CYS A 344 24.13 -3.16 -41.47
N GLY A 345 24.62 -1.94 -41.58
CA GLY A 345 24.41 -1.10 -42.77
C GLY A 345 23.31 -0.03 -42.65
N SER A 346 22.72 0.17 -41.48
CA SER A 346 21.72 1.26 -41.34
C SER A 346 22.33 2.61 -41.68
N VAL A 347 21.64 3.37 -42.51
CA VAL A 347 22.06 4.70 -42.90
C VAL A 347 21.25 5.76 -42.15
N HIS A 348 20.35 5.32 -41.26
CA HIS A 348 19.60 6.27 -40.44
C HIS A 348 20.37 6.72 -39.24
N ASP A 349 19.98 7.85 -38.67
CA ASP A 349 20.59 8.33 -37.43
C ASP A 349 19.96 7.70 -36.17
N TRP A 350 20.81 7.16 -35.30
CA TRP A 350 20.41 6.56 -34.03
C TRP A 350 21.08 7.19 -32.83
N SER A 351 21.61 8.40 -33.01
CA SER A 351 22.32 9.09 -31.93
C SER A 351 21.43 9.35 -30.72
N HIS A 352 20.14 9.53 -30.95
CA HIS A 352 19.17 9.65 -29.83
C HIS A 352 19.21 8.50 -28.86
N ILE A 353 19.51 7.29 -29.34
CA ILE A 353 19.57 6.11 -28.48
C ILE A 353 20.67 6.28 -27.41
N GLU A 354 21.77 6.96 -27.76
CA GLU A 354 22.88 7.20 -26.81
C GLU A 354 22.73 8.49 -26.03
N ARG A 355 22.07 9.49 -26.62
CA ARG A 355 21.78 10.74 -25.91
C ARG A 355 20.71 10.54 -24.82
N GLN A 356 19.74 9.67 -25.08
CA GLN A 356 18.73 9.34 -24.07
C GLN A 356 19.37 8.68 -22.86
N VAL A 357 18.70 8.78 -21.72
CA VAL A 357 19.23 8.32 -20.46
C VAL A 357 18.22 7.41 -19.79
N GLY A 358 18.69 6.25 -19.29
CA GLY A 358 17.87 5.35 -18.50
C GLY A 358 17.34 4.17 -19.28
N MET A 359 16.37 3.51 -18.67
CA MET A 359 15.90 2.18 -19.07
C MET A 359 14.96 2.22 -20.27
N MET A 360 14.35 3.37 -20.50
CA MET A 360 13.33 3.50 -21.53
C MET A 360 13.83 4.41 -22.66
N ALA A 361 13.63 3.96 -23.90
CA ALA A 361 14.06 4.66 -25.09
C ALA A 361 12.91 4.75 -26.08
N TYR A 362 12.59 5.97 -26.49
CA TYR A 362 11.75 6.19 -27.65
C TYR A 362 12.66 5.98 -28.84
N THR A 363 12.45 4.85 -29.50
CA THR A 363 13.30 4.44 -30.59
C THR A 363 13.10 5.30 -31.84
N GLY A 364 11.90 5.83 -32.01
CA GLY A 364 11.51 6.50 -33.22
C GLY A 364 10.99 5.59 -34.30
N LEU A 365 10.79 4.32 -33.98
CA LEU A 365 10.16 3.38 -34.89
C LEU A 365 8.69 3.74 -34.97
N THR A 366 8.12 3.64 -36.17
CA THR A 366 6.71 3.93 -36.35
C THR A 366 5.85 2.75 -35.86
N ARG A 367 4.55 2.96 -35.75
CA ARG A 367 3.60 1.91 -35.39
C ARG A 367 3.74 0.70 -36.32
N GLU A 368 3.72 0.96 -37.64
CA GLU A 368 3.93 -0.09 -38.64
C GLU A 368 5.21 -0.87 -38.37
N GLN A 369 6.29 -0.15 -38.09
CA GLN A 369 7.59 -0.77 -37.85
C GLN A 369 7.62 -1.63 -36.57
N VAL A 370 7.00 -1.12 -35.51
CA VAL A 370 6.84 -1.89 -34.26
C VAL A 370 6.06 -3.17 -34.53
N GLU A 371 5.00 -3.08 -35.33
CA GLU A 371 4.17 -4.26 -35.65
C GLU A 371 4.90 -5.31 -36.49
N LEU A 372 5.72 -4.87 -37.46
CA LEU A 372 6.51 -5.80 -38.26
C LEU A 372 7.62 -6.46 -37.41
N LEU A 373 8.21 -5.74 -36.47
CA LEU A 373 9.20 -6.33 -35.54
C LEU A 373 8.56 -7.49 -34.75
N ARG A 374 7.35 -7.24 -34.26
CA ARG A 374 6.55 -8.25 -33.59
C ARG A 374 6.23 -9.43 -34.51
N SER A 375 5.60 -9.17 -35.65
CA SER A 375 5.10 -10.25 -36.52
C SER A 375 6.25 -11.03 -37.19
N GLU A 376 7.17 -10.33 -37.83
CA GLU A 376 8.27 -11.01 -38.54
C GLU A 376 9.44 -11.45 -37.62
N TYR A 377 9.66 -10.76 -36.50
CA TYR A 377 10.85 -11.01 -35.68
C TYR A 377 10.60 -11.38 -34.23
N HIS A 378 9.36 -11.28 -33.78
CA HIS A 378 8.99 -11.67 -32.42
C HIS A 378 9.71 -10.85 -31.38
N ILE A 379 9.90 -9.57 -31.71
CA ILE A 379 10.44 -8.59 -30.79
C ILE A 379 9.25 -7.74 -30.36
N TYR A 380 9.05 -7.61 -29.06
CA TYR A 380 7.84 -7.00 -28.51
C TYR A 380 8.10 -5.65 -27.88
N MET A 381 7.50 -4.60 -28.43
CA MET A 381 7.47 -3.28 -27.77
C MET A 381 6.12 -2.63 -27.93
N THR A 382 5.84 -1.65 -27.11
CA THR A 382 4.63 -0.84 -27.24
C THR A 382 4.60 -0.11 -28.58
N LEU A 383 3.38 0.15 -29.06
CA LEU A 383 3.15 0.69 -30.39
C LEU A 383 3.68 2.12 -30.59
N ASN A 384 3.98 2.80 -29.49
CA ASN A 384 4.62 4.11 -29.51
C ASN A 384 6.16 4.10 -29.81
N GLY A 385 6.73 2.92 -30.01
CA GLY A 385 8.16 2.76 -30.28
C GLY A 385 9.07 2.82 -29.07
N ARG A 386 8.48 2.73 -27.89
CA ARG A 386 9.23 2.64 -26.65
C ARG A 386 9.88 1.27 -26.51
N ALA A 387 11.17 1.25 -26.20
CA ALA A 387 11.92 0.03 -26.02
C ALA A 387 12.47 0.07 -24.60
N ALA A 388 12.20 -0.97 -23.84
CA ALA A 388 12.81 -1.13 -22.54
C ALA A 388 14.19 -1.70 -22.80
N VAL A 389 15.22 -0.87 -22.67
CA VAL A 389 16.56 -1.28 -23.08
C VAL A 389 17.19 -2.31 -22.16
N SER A 390 16.65 -2.42 -20.95
CA SER A 390 17.10 -3.40 -19.98
C SER A 390 16.85 -4.82 -20.46
N GLY A 391 15.90 -4.99 -21.39
CA GLY A 391 15.66 -6.28 -22.03
C GLY A 391 16.66 -6.63 -23.13
N LEU A 392 17.53 -5.69 -23.50
CA LEU A 392 18.63 -5.94 -24.46
C LEU A 392 19.88 -6.36 -23.69
N ASN A 393 20.64 -7.29 -24.25
CA ASN A 393 21.86 -7.77 -23.61
C ASN A 393 22.80 -8.37 -24.63
N SER A 394 23.94 -8.91 -24.18
CA SER A 394 24.95 -9.58 -25.04
C SER A 394 24.35 -10.62 -25.95
N THR A 395 23.30 -11.25 -25.45
CA THR A 395 22.74 -12.46 -26.05
C THR A 395 21.77 -12.15 -27.19
N ASN A 396 21.20 -10.94 -27.19
CA ASN A 396 20.18 -10.60 -28.18
C ASN A 396 20.39 -9.27 -28.92
N VAL A 397 21.41 -8.48 -28.53
CA VAL A 397 21.54 -7.12 -29.06
C VAL A 397 21.78 -7.15 -30.58
N GLU A 398 22.56 -8.12 -31.06
CA GLU A 398 22.87 -8.25 -32.49
C GLU A 398 21.62 -8.56 -33.32
N TYR A 399 20.80 -9.47 -32.82
CA TYR A 399 19.58 -9.88 -33.48
C TYR A 399 18.59 -8.75 -33.53
N VAL A 400 18.42 -8.06 -32.42
CA VAL A 400 17.47 -6.96 -32.37
C VAL A 400 17.95 -5.84 -33.32
N SER A 401 19.24 -5.56 -33.33
CA SER A 401 19.79 -4.56 -34.25
C SER A 401 19.51 -4.90 -35.72
N GLN A 402 19.77 -6.16 -36.11
CA GLN A 402 19.49 -6.61 -37.49
C GLN A 402 18.02 -6.40 -37.84
N ALA A 403 17.14 -6.84 -36.96
CA ALA A 403 15.70 -6.69 -37.17
C ALA A 403 15.28 -5.23 -37.31
N ILE A 404 15.80 -4.35 -36.44
CA ILE A 404 15.45 -2.94 -36.50
C ILE A 404 15.91 -2.31 -37.83
N HIS A 405 17.10 -2.71 -38.29
CA HIS A 405 17.61 -2.29 -39.59
C HIS A 405 16.75 -2.79 -40.71
N ASN A 406 16.42 -4.08 -40.69
CA ASN A 406 15.59 -4.67 -41.74
C ASN A 406 14.23 -3.99 -41.90
N VAL A 407 13.61 -3.58 -40.79
CA VAL A 407 12.29 -2.94 -40.86
C VAL A 407 12.36 -1.41 -41.10
N THR A 408 13.54 -0.81 -41.05
CA THR A 408 13.67 0.66 -41.24
C THR A 408 14.40 1.03 -42.51
N LYS A 409 15.05 0.05 -43.15
CA LYS A 409 15.95 0.35 -44.24
C LYS A 409 15.20 0.78 -45.49
N LEU B 29 -2.34 6.45 19.56
CA LEU B 29 -0.89 6.75 19.36
C LEU B 29 -0.35 7.55 20.53
N GLY B 30 -1.15 8.50 21.03
CA GLY B 30 -0.81 9.31 22.21
C GLY B 30 -0.67 8.51 23.50
N LEU B 31 -1.57 7.55 23.70
CA LEU B 31 -1.48 6.66 24.86
C LEU B 31 -0.22 5.79 24.78
N GLY B 32 0.11 5.35 23.56
CA GLY B 32 1.37 4.62 23.31
C GLY B 32 2.58 5.43 23.69
N GLN B 33 2.69 6.66 23.18
CA GLN B 33 3.83 7.54 23.46
C GLN B 33 3.95 7.89 24.96
N ASP B 34 2.82 8.11 25.63
CA ASP B 34 2.82 8.43 27.08
C ASP B 34 3.26 7.21 27.90
N PHE B 35 2.72 6.05 27.54
CA PHE B 35 3.08 4.81 28.21
C PHE B 35 4.59 4.62 28.16
N ARG B 36 5.13 4.76 26.95
CA ARG B 36 6.56 4.62 26.68
C ARG B 36 7.37 5.55 27.58
N MET B 37 6.93 6.82 27.66
CA MET B 37 7.63 7.85 28.44
C MET B 37 7.41 7.72 29.94
N ASP B 38 6.39 6.96 30.36
CA ASP B 38 6.13 6.77 31.81
C ASP B 38 7.28 6.02 32.48
N PRO B 39 7.86 6.63 33.53
CA PRO B 39 9.01 6.00 34.18
C PRO B 39 8.70 4.80 35.12
N ALA B 40 7.46 4.66 35.59
CA ALA B 40 7.12 3.63 36.58
C ALA B 40 7.53 2.23 36.13
N LYS B 41 8.04 1.41 37.05
CA LYS B 41 8.44 0.05 36.71
C LYS B 41 7.20 -0.85 36.50
N ARG B 42 6.18 -0.70 37.34
CA ARG B 42 4.91 -1.40 37.14
C ARG B 42 4.04 -0.51 36.29
N LYS B 43 4.06 -0.77 34.99
CA LYS B 43 3.17 -0.11 34.05
C LYS B 43 2.68 -1.17 33.09
N VAL B 44 1.49 -0.95 32.55
CA VAL B 44 0.83 -1.92 31.70
C VAL B 44 0.10 -1.20 30.58
N ASN B 45 0.32 -1.65 29.35
CA ASN B 45 -0.30 -1.04 28.20
C ASN B 45 -1.46 -1.89 27.72
N LEU B 46 -2.67 -1.41 27.94
CA LEU B 46 -3.86 -2.11 27.49
C LEU B 46 -4.56 -1.29 26.38
N SER B 47 -3.79 -0.45 25.68
CA SER B 47 -4.32 0.31 24.56
C SER B 47 -3.75 -0.10 23.22
N ILE B 48 -2.85 -1.08 23.21
CA ILE B 48 -2.20 -1.53 21.97
C ILE B 48 -3.22 -2.11 20.99
N GLY B 49 -2.86 -2.10 19.70
CA GLY B 49 -3.63 -2.75 18.65
C GLY B 49 -3.16 -4.14 18.25
N VAL B 50 -2.10 -4.64 18.89
CA VAL B 50 -1.44 -5.87 18.44
C VAL B 50 -1.40 -7.00 19.49
N TYR B 51 -1.29 -8.23 19.01
CA TYR B 51 -1.18 -9.38 19.87
C TYR B 51 0.21 -9.40 20.54
N ARG B 52 0.23 -9.89 21.77
CA ARG B 52 1.45 -10.12 22.52
C ARG B 52 1.38 -11.51 23.13
N ASP B 53 2.53 -12.16 23.31
CA ASP B 53 2.58 -13.47 23.97
C ASP B 53 2.59 -13.27 25.46
N ASP B 54 2.74 -14.36 26.22
CA ASP B 54 2.62 -14.28 27.67
C ASP B 54 3.77 -13.51 28.32
N ALA B 55 4.87 -13.33 27.61
CA ALA B 55 6.02 -12.55 28.11
C ALA B 55 5.97 -11.13 27.56
N ASP B 56 4.79 -10.70 27.12
CA ASP B 56 4.58 -9.35 26.59
C ASP B 56 5.43 -9.06 25.37
N GLN B 57 5.75 -10.08 24.58
CA GLN B 57 6.59 -9.89 23.41
C GLN B 57 5.76 -9.94 22.13
N PRO B 58 6.22 -9.22 21.08
CA PRO B 58 5.64 -9.49 19.75
C PRO B 58 5.83 -10.97 19.36
N PHE B 59 4.92 -11.48 18.56
CA PHE B 59 4.82 -12.92 18.31
C PHE B 59 4.74 -13.19 16.82
N VAL B 60 5.88 -13.60 16.27
CA VAL B 60 5.97 -14.03 14.89
C VAL B 60 5.69 -15.52 14.92
N LEU B 61 4.62 -15.92 14.25
CA LEU B 61 4.24 -17.31 14.20
C LEU B 61 5.34 -18.16 13.59
N GLU B 62 5.52 -19.37 14.12
CA GLU B 62 6.47 -20.33 13.55
C GLU B 62 6.10 -20.72 12.13
N CYS B 63 4.81 -20.80 11.83
CA CYS B 63 4.41 -21.15 10.47
C CYS B 63 4.87 -20.06 9.49
N VAL B 64 4.91 -18.81 9.97
CA VAL B 64 5.38 -17.66 9.21
C VAL B 64 6.91 -17.72 9.07
N LYS B 65 7.64 -17.95 10.15
CA LYS B 65 9.08 -18.15 10.07
C LYS B 65 9.45 -19.30 9.12
N GLN B 66 8.60 -20.33 9.03
CA GLN B 66 8.90 -21.52 8.19
C GLN B 66 8.39 -21.36 6.75
N ALA B 67 7.64 -20.31 6.48
CA ALA B 67 7.11 -20.07 5.13
C ALA B 67 8.22 -19.82 4.10
N THR B 68 7.95 -20.22 2.86
CA THR B 68 8.91 -20.06 1.74
C THR B 68 8.64 -18.74 1.03
N LEU B 69 9.65 -17.88 0.98
CA LEU B 69 9.52 -16.59 0.31
C LEU B 69 9.86 -16.73 -1.15
N GLY B 70 9.36 -15.77 -1.93
CA GLY B 70 9.65 -15.64 -3.36
C GLY B 70 11.11 -15.39 -3.61
N THR B 71 11.51 -15.71 -4.84
CA THR B 71 12.90 -15.65 -5.22
C THR B 71 13.28 -14.29 -5.83
N ASN B 72 12.32 -13.58 -6.38
CA ASN B 72 12.59 -12.26 -6.95
C ASN B 72 11.69 -11.19 -6.34
N MET B 73 11.92 -9.95 -6.72
CA MET B 73 11.22 -8.79 -6.18
C MET B 73 10.40 -8.07 -7.23
N ASP B 74 10.21 -8.68 -8.40
CA ASP B 74 9.37 -8.12 -9.45
C ASP B 74 8.00 -7.75 -8.89
N TYR B 75 7.39 -6.74 -9.51
CA TYR B 75 6.06 -6.29 -9.11
C TYR B 75 5.12 -7.45 -9.23
N ALA B 76 4.24 -7.64 -8.26
CA ALA B 76 3.13 -8.56 -8.45
C ALA B 76 2.16 -7.89 -9.43
N PRO B 77 1.21 -8.66 -9.96
CA PRO B 77 0.09 -8.09 -10.73
C PRO B 77 -0.71 -7.08 -9.89
N VAL B 78 -1.34 -6.12 -10.56
CA VAL B 78 -2.09 -5.08 -9.89
C VAL B 78 -3.06 -5.64 -8.82
N THR B 79 -3.69 -6.76 -9.15
CA THR B 79 -4.67 -7.39 -8.28
C THR B 79 -4.04 -8.40 -7.34
N GLY B 80 -2.71 -8.51 -7.36
CA GLY B 80 -1.99 -9.34 -6.41
C GLY B 80 -1.47 -10.65 -6.96
N ILE B 81 -0.72 -11.36 -6.13
CA ILE B 81 -0.19 -12.66 -6.50
C ILE B 81 -1.37 -13.60 -6.57
N ALA B 82 -1.55 -14.16 -7.76
CA ALA B 82 -2.76 -14.93 -8.10
C ALA B 82 -2.97 -16.10 -7.15
N SER B 83 -1.89 -16.81 -6.82
CA SER B 83 -1.96 -17.92 -5.88
C SER B 83 -2.43 -17.47 -4.48
N PHE B 84 -1.94 -16.32 -4.03
CA PHE B 84 -2.39 -15.73 -2.75
C PHE B 84 -3.90 -15.43 -2.78
N VAL B 85 -4.36 -14.77 -3.85
CA VAL B 85 -5.74 -14.39 -3.95
C VAL B 85 -6.65 -15.63 -3.89
N GLU B 86 -6.26 -16.70 -4.60
CA GLU B 86 -7.04 -17.91 -4.63
C GLU B 86 -7.07 -18.58 -3.25
N GLU B 87 -5.95 -18.61 -2.52
CA GLU B 87 -5.97 -19.19 -1.16
C GLU B 87 -6.76 -18.33 -0.17
N ALA B 88 -6.72 -17.02 -0.34
CA ALA B 88 -7.50 -16.11 0.48
C ALA B 88 -8.97 -16.42 0.30
N GLN B 89 -9.40 -16.53 -0.95
CA GLN B 89 -10.78 -16.92 -1.29
C GLN B 89 -11.22 -18.22 -0.60
N LYS B 90 -10.41 -19.27 -0.71
CA LYS B 90 -10.76 -20.57 -0.14
C LYS B 90 -10.84 -20.54 1.39
N LEU B 91 -9.93 -19.78 2.00
CA LEU B 91 -9.91 -19.62 3.44
C LEU B 91 -11.18 -18.90 3.94
N CYS B 92 -11.57 -17.83 3.25
CA CYS B 92 -12.75 -17.06 3.59
C CYS B 92 -14.03 -17.88 3.44
N PHE B 93 -14.24 -18.43 2.25
CA PHE B 93 -15.51 -19.04 1.88
C PHE B 93 -15.60 -20.55 2.07
N GLY B 94 -14.47 -21.19 2.33
CA GLY B 94 -14.44 -22.63 2.48
C GLY B 94 -14.09 -23.27 1.16
N PRO B 95 -13.48 -24.45 1.19
CA PRO B 95 -13.04 -25.02 -0.10
C PRO B 95 -14.17 -25.67 -0.94
N THR B 96 -15.34 -25.87 -0.34
CA THR B 96 -16.52 -26.40 -1.01
C THR B 96 -17.45 -25.37 -1.73
N CYS B 97 -17.21 -24.06 -1.56
CA CYS B 97 -18.22 -22.99 -1.84
C CYS B 97 -18.66 -22.90 -3.30
N ALA B 98 -19.98 -22.95 -3.52
CA ALA B 98 -20.53 -22.99 -4.88
C ALA B 98 -20.16 -21.73 -5.66
N ALA B 99 -20.39 -20.58 -5.03
CA ALA B 99 -19.95 -19.28 -5.56
C ALA B 99 -18.50 -19.32 -6.07
N LEU B 100 -17.65 -19.98 -5.30
CA LEU B 100 -16.24 -20.03 -5.61
C LEU B 100 -15.99 -21.02 -6.75
N ARG B 101 -16.66 -22.17 -6.71
CA ARG B 101 -16.59 -23.15 -7.82
C ARG B 101 -17.04 -22.52 -9.15
N ASP B 102 -18.09 -21.71 -9.12
CA ASP B 102 -18.64 -21.10 -10.33
C ASP B 102 -17.85 -19.88 -10.78
N GLY B 103 -16.88 -19.42 -9.98
CA GLY B 103 -16.08 -18.27 -10.36
C GLY B 103 -16.82 -16.95 -10.24
N ARG B 104 -17.84 -16.91 -9.37
CA ARG B 104 -18.71 -15.73 -9.20
C ARG B 104 -18.10 -14.63 -8.32
N ILE B 105 -17.00 -14.93 -7.63
CA ILE B 105 -16.47 -14.00 -6.65
C ILE B 105 -15.27 -13.26 -7.22
N ALA B 106 -15.34 -11.93 -7.17
CA ALA B 106 -14.30 -11.05 -7.70
C ALA B 106 -13.38 -10.67 -6.57
N SER B 107 -12.09 -10.97 -6.71
CA SER B 107 -11.18 -10.81 -5.60
C SER B 107 -9.86 -10.15 -5.98
N CYS B 108 -9.25 -9.49 -5.01
CA CYS B 108 -7.91 -8.95 -5.16
C CYS B 108 -7.20 -8.85 -3.84
N GLN B 109 -5.87 -8.77 -3.92
CA GLN B 109 -5.02 -8.55 -2.76
C GLN B 109 -5.08 -7.07 -2.44
N THR B 110 -4.97 -6.75 -1.15
CA THR B 110 -5.12 -5.39 -0.67
C THR B 110 -4.12 -5.12 0.45
N LEU B 111 -3.99 -3.85 0.80
CA LEU B 111 -3.10 -3.38 1.86
C LEU B 111 -3.79 -3.60 3.19
N GLY B 112 -3.71 -4.83 3.69
CA GLY B 112 -4.41 -5.23 4.90
C GLY B 112 -5.92 -5.21 4.71
N GLY B 113 -6.65 -5.40 5.81
CA GLY B 113 -8.09 -5.20 5.80
C GLY B 113 -8.46 -3.76 5.44
N THR B 114 -7.65 -2.81 5.87
CA THR B 114 -7.91 -1.41 5.62
C THR B 114 -8.08 -1.15 4.14
N GLY B 115 -7.14 -1.63 3.32
CA GLY B 115 -7.18 -1.41 1.88
C GLY B 115 -8.40 -2.01 1.22
N ALA B 116 -8.83 -3.18 1.70
CA ALA B 116 -10.06 -3.81 1.20
C ALA B 116 -11.29 -2.96 1.53
N LEU B 117 -11.31 -2.40 2.74
CA LEU B 117 -12.44 -1.55 3.14
C LEU B 117 -12.50 -0.31 2.24
N ARG B 118 -11.35 0.29 1.97
CA ARG B 118 -11.29 1.49 1.18
C ARG B 118 -11.65 1.20 -0.26
N ILE B 119 -11.02 0.17 -0.84
CA ILE B 119 -11.24 -0.11 -2.25
C ILE B 119 -12.69 -0.53 -2.48
N GLY B 120 -13.19 -1.33 -1.54
CA GLY B 120 -14.55 -1.76 -1.57
C GLY B 120 -15.50 -0.59 -1.57
N GLY B 121 -15.25 0.35 -0.67
CA GLY B 121 -16.08 1.53 -0.56
C GLY B 121 -16.00 2.41 -1.81
N ASP B 122 -14.82 2.55 -2.37
CA ASP B 122 -14.63 3.34 -3.56
C ASP B 122 -15.39 2.69 -4.71
N LEU B 123 -15.42 1.36 -4.73
CA LEU B 123 -16.15 0.63 -5.76
C LEU B 123 -17.64 0.80 -5.63
N LEU B 124 -18.16 0.72 -4.40
CA LEU B 124 -19.59 0.90 -4.16
C LEU B 124 -20.02 2.27 -4.61
N ASN B 125 -19.22 3.28 -4.30
CA ASN B 125 -19.66 4.66 -4.50
C ASN B 125 -19.64 5.08 -5.96
N ARG B 126 -18.76 4.47 -6.75
CA ARG B 126 -18.79 4.60 -8.20
C ARG B 126 -20.02 3.93 -8.83
N PHE B 127 -20.42 2.77 -8.33
CA PHE B 127 -21.29 1.87 -9.09
C PHE B 127 -22.69 1.61 -8.49
N VAL B 128 -22.90 1.94 -7.23
CA VAL B 128 -24.25 1.84 -6.65
C VAL B 128 -24.85 3.25 -6.61
N ALA B 129 -26.06 3.38 -7.16
CA ALA B 129 -26.74 4.68 -7.21
C ALA B 129 -27.04 5.17 -5.79
N ASN B 130 -26.77 6.46 -5.54
CA ASN B 130 -27.01 7.09 -4.25
C ASN B 130 -26.41 6.31 -3.07
N CYS B 131 -25.25 5.70 -3.30
CA CYS B 131 -24.50 5.01 -2.27
C CYS B 131 -23.63 6.05 -1.60
N ASN B 132 -24.26 6.81 -0.71
CA ASN B 132 -23.61 7.90 0.02
C ASN B 132 -23.69 7.73 1.54
N ARG B 133 -24.16 6.57 1.97
CA ARG B 133 -24.31 6.22 3.36
C ARG B 133 -23.94 4.77 3.51
N ILE B 134 -23.39 4.43 4.67
CA ILE B 134 -23.14 3.05 5.07
C ILE B 134 -23.49 2.95 6.55
N TYR B 135 -24.17 1.87 6.93
CA TYR B 135 -24.56 1.64 8.33
C TYR B 135 -23.59 0.71 9.05
N GLY B 136 -23.12 1.14 10.22
CA GLY B 136 -22.23 0.33 11.07
C GLY B 136 -22.69 0.36 12.52
N PRO B 137 -22.12 -0.51 13.35
CA PRO B 137 -22.56 -0.58 14.74
C PRO B 137 -22.25 0.71 15.48
N ASP B 138 -23.11 1.05 16.43
CA ASP B 138 -23.07 2.34 17.16
C ASP B 138 -21.77 2.56 17.93
N VAL B 139 -21.17 1.46 18.37
CA VAL B 139 -19.82 1.45 18.89
C VAL B 139 -19.04 0.57 17.96
N GLY B 140 -18.04 1.14 17.30
CA GLY B 140 -17.32 0.44 16.26
C GLY B 140 -15.87 0.83 16.05
N TYR B 141 -15.34 0.31 14.96
CA TYR B 141 -13.92 0.43 14.64
C TYR B 141 -13.64 1.87 14.18
N PRO B 142 -12.78 2.62 14.89
CA PRO B 142 -12.54 4.07 14.64
C PRO B 142 -12.24 4.45 13.20
N ASN B 143 -11.37 3.71 12.53
CA ASN B 143 -10.95 4.04 11.16
C ASN B 143 -12.09 3.89 10.12
N HIS B 144 -13.15 3.16 10.43
CA HIS B 144 -14.24 2.99 9.46
C HIS B 144 -14.85 4.27 8.97
N GLU B 145 -15.06 5.22 9.88
CA GLU B 145 -15.71 6.48 9.52
C GLU B 145 -14.91 7.21 8.46
N SER B 146 -13.61 7.35 8.69
CA SER B 146 -12.76 8.08 7.78
C SER B 146 -12.55 7.29 6.48
N ILE B 147 -12.35 5.96 6.58
CA ILE B 147 -12.24 5.13 5.38
C ILE B 147 -13.43 5.38 4.44
N PHE B 148 -14.63 5.18 4.96
CA PHE B 148 -15.80 5.34 4.12
C PHE B 148 -16.10 6.80 3.74
N ALA B 149 -15.73 7.77 4.59
CA ALA B 149 -15.85 9.22 4.21
C ALA B 149 -14.99 9.54 2.99
N LYS B 150 -13.77 9.01 2.93
CA LYS B 150 -12.92 9.18 1.74
C LYS B 150 -13.55 8.59 0.48
N ALA B 151 -14.38 7.54 0.66
CA ALA B 151 -15.13 6.92 -0.42
C ALA B 151 -16.45 7.61 -0.70
N GLY B 152 -16.77 8.69 0.03
CA GLY B 152 -17.98 9.49 -0.18
C GLY B 152 -19.18 8.90 0.52
N MET B 153 -18.96 8.12 1.57
CA MET B 153 -20.06 7.48 2.29
C MET B 153 -20.02 7.80 3.77
N GLU B 154 -21.14 8.27 4.27
CA GLU B 154 -21.27 8.71 5.64
C GLU B 154 -21.63 7.48 6.49
N LEU B 155 -20.85 7.23 7.54
CA LEU B 155 -21.10 6.13 8.45
C LEU B 155 -22.24 6.53 9.37
N THR B 156 -23.34 5.76 9.36
CA THR B 156 -24.50 6.00 10.21
C THR B 156 -24.68 4.81 11.13
N PRO B 157 -25.08 5.07 12.38
CA PRO B 157 -25.12 3.96 13.33
C PRO B 157 -26.39 3.12 13.29
N TYR B 158 -26.25 1.83 13.58
CA TYR B 158 -27.35 0.98 14.02
C TYR B 158 -27.06 0.51 15.43
N SER B 159 -28.13 0.18 16.15
CA SER B 159 -28.04 -0.20 17.54
C SER B 159 -27.31 -1.53 17.64
N TYR B 160 -26.37 -1.63 18.58
CA TYR B 160 -25.53 -2.81 18.69
C TYR B 160 -25.05 -3.09 20.11
N TYR B 161 -24.25 -2.20 20.68
CA TYR B 161 -23.73 -2.37 22.03
C TYR B 161 -24.70 -1.82 23.08
N ASP B 162 -24.93 -2.61 24.14
CA ASP B 162 -25.76 -2.20 25.30
C ASP B 162 -24.80 -1.90 26.45
N PRO B 163 -24.65 -0.61 26.83
CA PRO B 163 -23.66 -0.29 27.89
C PRO B 163 -24.05 -0.79 29.29
N ALA B 164 -25.34 -1.06 29.51
CA ALA B 164 -25.80 -1.59 30.80
C ALA B 164 -25.19 -2.98 31.09
N THR B 165 -25.09 -3.81 30.05
CA THR B 165 -24.63 -5.21 30.12
C THR B 165 -23.24 -5.40 29.50
N LYS B 166 -22.69 -4.32 28.93
CA LYS B 166 -21.50 -4.48 28.10
C LYS B 166 -21.66 -5.72 27.16
N GLY B 167 -22.87 -5.85 26.60
CA GLY B 167 -23.31 -6.97 25.74
C GLY B 167 -24.07 -6.50 24.48
N LEU B 168 -24.82 -7.40 23.85
CA LEU B 168 -25.48 -7.11 22.59
C LEU B 168 -26.90 -6.61 22.80
N ASN B 169 -27.36 -5.76 21.89
CA ASN B 169 -28.76 -5.34 21.81
C ASN B 169 -29.30 -5.76 20.45
N LEU B 170 -29.63 -7.04 20.34
CA LEU B 170 -30.07 -7.66 19.09
C LEU B 170 -31.32 -7.03 18.57
N ALA B 171 -32.36 -6.95 19.42
CA ALA B 171 -33.65 -6.41 19.01
C ALA B 171 -33.48 -5.02 18.39
N GLY B 172 -32.66 -4.17 19.00
CA GLY B 172 -32.38 -2.86 18.45
C GLY B 172 -31.64 -2.92 17.10
N MET B 173 -30.71 -3.86 16.97
CA MET B 173 -30.03 -4.07 15.71
C MET B 173 -30.97 -4.54 14.63
N LEU B 174 -31.79 -5.53 14.93
CA LEU B 174 -32.73 -6.05 13.92
C LEU B 174 -33.66 -4.95 13.45
N GLU B 175 -34.18 -4.17 14.39
CA GLU B 175 -35.11 -3.09 14.06
C GLU B 175 -34.45 -2.01 13.17
N CYS B 176 -33.25 -1.58 13.53
CA CYS B 176 -32.53 -0.57 12.72
C CYS B 176 -32.28 -1.06 11.28
N LEU B 177 -31.88 -2.32 11.14
CA LEU B 177 -31.67 -2.92 9.82
C LEU B 177 -32.97 -3.05 9.03
N ASP B 178 -34.03 -3.45 9.70
CA ASP B 178 -35.32 -3.58 9.05
C ASP B 178 -35.84 -2.23 8.54
N LYS B 179 -35.56 -1.15 9.28
CA LYS B 179 -36.03 0.19 8.94
C LYS B 179 -35.03 1.00 8.10
N ALA B 180 -33.80 0.53 7.91
CA ALA B 180 -32.90 1.20 6.98
C ALA B 180 -33.51 1.10 5.58
N PRO B 181 -33.36 2.15 4.75
CA PRO B 181 -33.91 2.09 3.40
C PRO B 181 -33.40 0.89 2.61
N GLU B 182 -34.29 0.30 1.84
CA GLU B 182 -33.98 -0.86 1.00
C GLU B 182 -32.69 -0.64 0.22
N GLY B 183 -31.85 -1.67 0.11
CA GLY B 183 -30.58 -1.54 -0.59
C GLY B 183 -29.57 -0.67 0.14
N SER B 184 -29.61 -0.65 1.47
CA SER B 184 -28.58 0.04 2.28
C SER B 184 -27.33 -0.81 2.37
N VAL B 185 -26.15 -0.18 2.42
CA VAL B 185 -24.93 -0.93 2.68
C VAL B 185 -24.80 -1.11 4.20
N ILE B 186 -24.69 -2.38 4.64
CA ILE B 186 -24.63 -2.71 6.05
C ILE B 186 -23.28 -3.31 6.40
N LEU B 187 -22.53 -2.58 7.22
CA LEU B 187 -21.22 -3.00 7.68
C LEU B 187 -21.36 -3.83 8.97
N VAL B 188 -20.83 -5.04 8.95
CA VAL B 188 -20.84 -5.90 10.14
C VAL B 188 -19.43 -6.47 10.37
N HIS B 189 -19.07 -6.64 11.64
CA HIS B 189 -17.83 -7.33 12.00
C HIS B 189 -18.11 -8.81 12.01
N ALA B 190 -17.29 -9.61 11.32
CA ALA B 190 -17.54 -11.06 11.21
C ALA B 190 -17.48 -11.76 12.57
N CYS B 191 -16.51 -11.35 13.38
CA CYS B 191 -16.35 -11.86 14.75
C CYS B 191 -15.31 -11.00 15.44
N ALA B 192 -15.19 -11.19 16.75
CA ALA B 192 -14.29 -10.38 17.58
C ALA B 192 -14.48 -8.90 17.27
N HIS B 193 -15.73 -8.47 17.47
CA HIS B 193 -16.07 -7.06 17.33
C HIS B 193 -15.05 -6.18 18.00
N ASN B 194 -14.60 -5.16 17.27
CA ASN B 194 -13.58 -4.23 17.75
C ASN B 194 -14.23 -2.86 17.81
N PRO B 195 -14.29 -2.23 18.99
CA PRO B 195 -13.52 -2.44 20.23
C PRO B 195 -14.17 -3.18 21.43
N THR B 196 -15.39 -3.69 21.32
CA THR B 196 -16.12 -4.15 22.50
C THR B 196 -15.95 -5.65 22.85
N GLY B 197 -15.68 -6.45 21.82
CA GLY B 197 -15.62 -7.89 21.95
C GLY B 197 -16.97 -8.56 21.93
N VAL B 198 -18.03 -7.77 21.74
CA VAL B 198 -19.39 -8.27 21.72
C VAL B 198 -19.78 -8.77 20.33
N ASP B 199 -20.05 -10.07 20.24
CA ASP B 199 -20.45 -10.73 19.00
C ASP B 199 -21.82 -11.34 19.13
N PRO B 200 -22.63 -11.22 18.07
CA PRO B 200 -23.82 -12.04 18.06
C PRO B 200 -23.44 -13.50 17.95
N THR B 201 -24.33 -14.40 18.37
CA THR B 201 -24.16 -15.83 18.13
C THR B 201 -24.53 -16.14 16.68
N HIS B 202 -24.28 -17.39 16.26
CA HIS B 202 -24.75 -17.85 14.96
C HIS B 202 -26.24 -17.85 14.86
N ASP B 203 -26.95 -18.23 15.92
CA ASP B 203 -28.40 -18.11 15.94
C ASP B 203 -28.79 -16.64 15.68
N ASP B 204 -28.17 -15.71 16.39
CA ASP B 204 -28.48 -14.30 16.20
C ASP B 204 -28.21 -13.88 14.73
N TRP B 205 -27.08 -14.34 14.19
CA TRP B 205 -26.70 -13.97 12.84
C TRP B 205 -27.71 -14.47 11.81
N ARG B 206 -28.33 -15.60 12.07
CA ARG B 206 -29.38 -16.11 11.19
CA ARG B 206 -29.37 -16.10 11.20
C ARG B 206 -30.52 -15.10 11.08
N GLN B 207 -30.90 -14.50 12.22
CA GLN B 207 -31.96 -13.49 12.23
C GLN B 207 -31.50 -12.22 11.52
N VAL B 208 -30.27 -11.77 11.81
CA VAL B 208 -29.72 -10.60 11.15
C VAL B 208 -29.65 -10.77 9.64
N CYS B 209 -29.17 -11.93 9.19
CA CYS B 209 -29.02 -12.19 7.76
C CYS B 209 -30.35 -12.24 6.99
N ASP B 210 -31.40 -12.77 7.63
CA ASP B 210 -32.74 -12.79 7.03
C ASP B 210 -33.23 -11.38 6.74
N VAL B 211 -33.00 -10.48 7.70
CA VAL B 211 -33.41 -9.09 7.54
C VAL B 211 -32.66 -8.45 6.37
N ILE B 212 -31.34 -8.72 6.29
CA ILE B 212 -30.49 -8.20 5.21
C ILE B 212 -30.98 -8.68 3.85
N LYS B 213 -31.37 -9.95 3.76
CA LYS B 213 -31.88 -10.50 2.50
C LYS B 213 -33.22 -9.86 2.12
N ARG B 214 -34.14 -9.83 3.09
CA ARG B 214 -35.49 -9.34 2.85
C ARG B 214 -35.50 -7.88 2.45
N ARG B 215 -34.63 -7.08 3.07
CA ARG B 215 -34.57 -5.64 2.76
C ARG B 215 -33.63 -5.31 1.60
N ASN B 216 -33.15 -6.36 0.91
CA ASN B 216 -32.21 -6.24 -0.21
C ASN B 216 -30.96 -5.42 0.10
N HIS B 217 -30.50 -5.49 1.35
CA HIS B 217 -29.31 -4.74 1.80
C HIS B 217 -28.05 -5.34 1.22
N ILE B 218 -27.00 -4.54 1.15
CA ILE B 218 -25.70 -5.02 0.69
C ILE B 218 -24.81 -5.17 1.89
N PRO B 219 -24.50 -6.43 2.24
CA PRO B 219 -23.66 -6.66 3.41
C PRO B 219 -22.19 -6.50 3.06
N PHE B 220 -21.51 -5.75 3.92
CA PHE B 220 -20.09 -5.50 3.83
C PHE B 220 -19.51 -6.05 5.13
N VAL B 221 -18.86 -7.21 5.03
CA VAL B 221 -18.30 -7.92 6.17
C VAL B 221 -16.85 -7.50 6.34
N ASP B 222 -16.51 -6.96 7.52
CA ASP B 222 -15.12 -6.71 7.90
C ASP B 222 -14.73 -7.93 8.71
N MET B 223 -13.90 -8.79 8.11
CA MET B 223 -13.39 -9.98 8.78
C MET B 223 -11.90 -9.83 9.05
N ALA B 224 -11.57 -9.18 10.16
CA ALA B 224 -10.20 -8.96 10.59
C ALA B 224 -9.64 -10.07 11.51
N TYR B 225 -10.48 -10.98 11.97
CA TYR B 225 -10.07 -11.90 13.01
C TYR B 225 -10.48 -13.34 12.78
N GLN B 226 -10.57 -13.77 11.54
CA GLN B 226 -10.91 -15.16 11.28
C GLN B 226 -9.90 -16.10 11.93
N GLY B 227 -10.41 -16.97 12.80
CA GLY B 227 -9.60 -17.97 13.47
C GLY B 227 -8.96 -17.41 14.72
N PHE B 228 -8.51 -16.18 14.66
CA PHE B 228 -7.97 -15.51 15.82
C PHE B 228 -9.03 -15.36 16.90
N ALA B 229 -10.28 -15.24 16.52
CA ALA B 229 -11.35 -15.01 17.47
C ALA B 229 -11.53 -16.16 18.43
N THR B 230 -11.93 -17.33 17.91
CA THR B 230 -12.27 -18.51 18.72
C THR B 230 -11.34 -19.70 18.50
N GLY B 231 -10.40 -19.56 17.59
CA GLY B 231 -9.53 -20.65 17.23
C GLY B 231 -10.11 -21.60 16.21
N GLN B 232 -11.31 -21.34 15.71
CA GLN B 232 -11.96 -22.20 14.71
C GLN B 232 -12.21 -21.40 13.43
N LEU B 233 -11.42 -21.67 12.39
CA LEU B 233 -11.49 -20.93 11.14
C LEU B 233 -12.88 -20.94 10.50
N ASP B 234 -13.50 -22.11 10.43
CA ASP B 234 -14.81 -22.28 9.81
C ASP B 234 -15.92 -21.51 10.58
N TYR B 235 -16.02 -21.78 11.88
CA TYR B 235 -16.99 -21.12 12.77
C TYR B 235 -16.86 -19.59 12.66
N ASP B 236 -15.61 -19.11 12.69
CA ASP B 236 -15.37 -17.68 12.65
C ASP B 236 -15.73 -17.00 11.31
N ALA B 237 -15.78 -17.78 10.23
CA ALA B 237 -16.19 -17.26 8.93
C ALA B 237 -17.67 -17.53 8.61
N PHE B 238 -18.44 -17.91 9.61
CA PHE B 238 -19.85 -18.18 9.42
C PHE B 238 -20.57 -17.04 8.72
N VAL B 239 -20.36 -15.80 9.14
CA VAL B 239 -21.10 -14.66 8.58
C VAL B 239 -20.97 -14.54 7.07
N PRO B 240 -19.74 -14.44 6.56
CA PRO B 240 -19.65 -14.39 5.09
C PRO B 240 -20.10 -15.68 4.38
N ARG B 241 -19.83 -16.84 4.95
CA ARG B 241 -20.26 -18.11 4.33
C ARG B 241 -21.79 -18.24 4.31
N HIS B 242 -22.44 -17.80 5.36
CA HIS B 242 -23.88 -17.85 5.41
C HIS B 242 -24.50 -16.85 4.46
N LEU B 243 -23.95 -15.64 4.37
CA LEU B 243 -24.52 -14.61 3.50
C LEU B 243 -24.32 -14.85 2.00
N VAL B 244 -23.28 -15.61 1.63
CA VAL B 244 -22.88 -15.65 0.21
C VAL B 244 -23.93 -16.26 -0.72
N ASP B 245 -24.75 -17.18 -0.20
CA ASP B 245 -25.86 -17.82 -0.96
C ASP B 245 -27.22 -17.08 -0.84
N MET B 246 -27.26 -16.06 0.00
CA MET B 246 -28.50 -15.37 0.37
C MET B 246 -28.73 -14.03 -0.35
N VAL B 247 -27.67 -13.42 -0.86
CA VAL B 247 -27.78 -12.08 -1.43
C VAL B 247 -27.07 -12.01 -2.77
N PRO B 248 -27.51 -11.10 -3.63
CA PRO B 248 -26.83 -10.99 -4.93
C PRO B 248 -25.36 -10.57 -4.83
N ASN B 249 -25.07 -9.60 -3.95
CA ASN B 249 -23.68 -9.16 -3.74
C ASN B 249 -23.30 -9.08 -2.27
N LEU B 250 -22.23 -9.79 -1.92
CA LEU B 250 -21.61 -9.73 -0.60
C LEU B 250 -20.22 -9.16 -0.81
N ILE B 251 -19.84 -8.20 0.05
CA ILE B 251 -18.47 -7.67 0.08
C ILE B 251 -17.79 -8.17 1.34
N VAL B 252 -16.56 -8.65 1.22
CA VAL B 252 -15.75 -9.04 2.40
C VAL B 252 -14.37 -8.40 2.35
N ALA B 253 -14.01 -7.72 3.44
CA ALA B 253 -12.67 -7.21 3.67
C ALA B 253 -11.97 -8.11 4.67
N GLN B 254 -10.91 -8.76 4.20
CA GLN B 254 -10.26 -9.81 4.94
C GLN B 254 -8.83 -9.41 5.31
N SER B 255 -8.54 -9.40 6.61
CA SER B 255 -7.23 -9.03 7.10
C SER B 255 -6.43 -10.25 7.50
N PHE B 256 -5.15 -10.25 7.12
CA PHE B 256 -4.22 -11.27 7.59
C PHE B 256 -3.26 -10.69 8.61
N SER B 257 -3.55 -9.47 9.06
CA SER B 257 -2.69 -8.78 10.01
C SER B 257 -2.61 -9.43 11.37
N1 LLP B 258 -11.05 -3.84 10.61
C2 LLP B 258 -11.10 -4.29 11.88
C2' LLP B 258 -12.38 -4.65 12.57
C3 LLP B 258 -9.86 -4.42 12.64
O3 LLP B 258 -9.90 -4.86 13.93
C4 LLP B 258 -8.60 -4.09 11.99
C4' LLP B 258 -7.33 -4.24 12.80
C5 LLP B 258 -8.66 -3.55 10.61
C6 LLP B 258 -9.91 -3.48 9.99
C5' LLP B 258 -7.41 -3.13 9.84
OP4 LLP B 258 -6.65 -4.27 9.51
P LLP B 258 -5.29 -4.13 8.69
OP1 LLP B 258 -5.49 -3.07 7.64
OP2 LLP B 258 -4.21 -3.78 9.69
OP3 LLP B 258 -5.07 -5.54 8.21
N LLP B 258 -3.74 -9.92 11.90
CA LLP B 258 -3.78 -10.50 13.24
CB LLP B 258 -5.05 -10.08 13.98
CG LLP B 258 -5.02 -8.57 14.31
CD LLP B 258 -5.85 -7.75 13.33
CE LLP B 258 -5.96 -6.25 13.68
NZ LLP B 258 -7.03 -5.66 12.88
C LLP B 258 -3.63 -11.99 13.20
O LLP B 258 -2.84 -12.54 13.97
N ASN B 259 -4.36 -12.68 12.30
CA ASN B 259 -4.38 -14.13 12.32
C ASN B 259 -3.11 -14.77 11.78
N PHE B 260 -2.35 -14.10 10.91
CA PHE B 260 -0.99 -14.56 10.57
C PHE B 260 0.08 -13.71 11.28
N GLY B 261 -0.32 -12.76 12.13
CA GLY B 261 0.62 -11.82 12.74
C GLY B 261 1.43 -10.96 11.74
N LEU B 262 0.85 -10.71 10.58
CA LEU B 262 1.57 -10.04 9.49
C LEU B 262 1.37 -8.50 9.46
N TYR B 263 0.77 -7.95 10.52
CA TYR B 263 0.57 -6.51 10.72
C TYR B 263 1.24 -5.58 9.68
N GLY B 264 2.52 -5.32 9.90
CA GLY B 264 3.23 -4.30 9.14
C GLY B 264 3.63 -4.71 7.74
N HIS B 265 3.39 -5.95 7.38
CA HIS B 265 3.56 -6.34 5.97
C HIS B 265 2.37 -6.05 5.09
N ARG B 266 1.25 -5.60 5.70
CA ARG B 266 0.10 -5.05 5.00
C ARG B 266 -0.47 -6.01 3.99
N CYS B 267 -1.13 -7.03 4.51
CA CYS B 267 -1.59 -8.14 3.69
C CYS B 267 -3.06 -8.42 3.99
N GLY B 268 -3.89 -8.30 2.96
CA GLY B 268 -5.29 -8.67 3.07
C GLY B 268 -5.87 -8.92 1.70
N ALA B 269 -7.17 -9.17 1.66
CA ALA B 269 -7.84 -9.39 0.40
C ALA B 269 -9.22 -8.81 0.44
N LEU B 270 -9.75 -8.47 -0.74
CA LEU B 270 -11.12 -7.99 -0.88
C LEU B 270 -11.86 -9.00 -1.76
N HIS B 271 -13.10 -9.31 -1.37
CA HIS B 271 -13.95 -10.25 -2.11
C HIS B 271 -15.29 -9.64 -2.36
N ILE B 272 -15.82 -9.76 -3.58
CA ILE B 272 -17.15 -9.30 -3.91
C ILE B 272 -17.86 -10.35 -4.73
N SER B 273 -18.94 -10.89 -4.18
CA SER B 273 -19.69 -11.91 -4.90
C SER B 273 -20.55 -11.20 -5.92
N THR B 274 -20.75 -11.88 -7.04
CA THR B 274 -21.57 -11.39 -8.13
C THR B 274 -22.38 -12.56 -8.68
N ALA B 275 -23.17 -12.30 -9.72
CA ALA B 275 -24.09 -13.30 -10.29
C ALA B 275 -23.41 -14.33 -11.18
N SER B 276 -22.23 -14.02 -11.71
CA SER B 276 -21.62 -14.90 -12.71
C SER B 276 -20.12 -14.66 -12.83
N ALA B 277 -19.44 -15.64 -13.42
CA ALA B 277 -18.03 -15.52 -13.75
C ALA B 277 -17.73 -14.28 -14.58
N GLU B 278 -18.58 -14.01 -15.57
CA GLU B 278 -18.36 -12.88 -16.49
C GLU B 278 -18.48 -11.56 -15.73
N GLU B 279 -19.47 -11.49 -14.84
CA GLU B 279 -19.67 -10.31 -14.01
C GLU B 279 -18.46 -10.13 -13.08
N ALA B 280 -17.95 -11.23 -12.51
CA ALA B 280 -16.80 -11.20 -11.63
C ALA B 280 -15.54 -10.70 -12.35
N LYS B 281 -15.32 -11.16 -13.57
CA LYS B 281 -14.20 -10.67 -14.38
C LYS B 281 -14.28 -9.14 -14.60
N ARG B 282 -15.46 -8.64 -14.95
CA ARG B 282 -15.68 -7.19 -15.11
C ARG B 282 -15.40 -6.39 -13.81
N LEU B 283 -15.82 -6.91 -12.65
CA LEU B 283 -15.51 -6.22 -11.38
C LEU B 283 -14.03 -6.20 -11.09
N VAL B 284 -13.33 -7.30 -11.37
CA VAL B 284 -11.88 -7.37 -11.08
C VAL B 284 -11.15 -6.32 -11.87
N SER B 285 -11.54 -6.14 -13.12
CA SER B 285 -10.91 -5.15 -13.94
C SER B 285 -11.24 -3.73 -13.42
N GLN B 286 -12.42 -3.53 -12.80
CA GLN B 286 -12.75 -2.25 -12.17
C GLN B 286 -11.95 -2.05 -10.86
N LEU B 287 -11.71 -3.14 -10.13
CA LEU B 287 -10.83 -3.08 -8.98
C LEU B 287 -9.43 -2.59 -9.40
N ALA B 288 -8.92 -3.12 -10.51
CA ALA B 288 -7.60 -2.74 -11.03
C ALA B 288 -7.51 -1.24 -11.28
N LEU B 289 -8.60 -0.67 -11.79
CA LEU B 289 -8.68 0.77 -12.06
C LEU B 289 -8.71 1.64 -10.79
N LEU B 290 -9.14 1.08 -9.68
CA LEU B 290 -9.04 1.76 -8.39
C LEU B 290 -7.62 1.58 -7.78
N ILE B 291 -7.05 0.39 -7.90
CA ILE B 291 -5.75 0.08 -7.31
C ILE B 291 -4.59 0.83 -7.99
N ARG B 292 -4.60 0.89 -9.32
CA ARG B 292 -3.45 1.39 -10.05
C ARG B 292 -3.06 2.82 -9.65
N PRO B 293 -4.04 3.76 -9.68
CA PRO B 293 -3.77 5.11 -9.29
C PRO B 293 -3.68 5.34 -7.78
N MET B 294 -3.78 4.28 -6.99
CA MET B 294 -3.57 4.37 -5.53
C MET B 294 -2.12 3.95 -5.15
N TYR B 295 -1.71 2.78 -5.59
CA TYR B 295 -0.36 2.27 -5.30
C TYR B 295 0.18 1.34 -6.37
N ASN B 296 -0.49 1.23 -7.51
CA ASN B 296 0.00 0.48 -8.69
C ASN B 296 -0.16 -1.03 -8.50
N ASN B 297 0.55 -1.58 -7.52
CA ASN B 297 0.49 -3.00 -7.24
C ASN B 297 0.93 -3.27 -5.78
N PRO B 298 0.50 -4.40 -5.20
CA PRO B 298 0.59 -4.55 -3.74
C PRO B 298 1.87 -5.26 -3.29
N PRO B 299 2.21 -5.14 -1.99
CA PRO B 299 3.48 -5.65 -1.47
C PRO B 299 3.52 -7.18 -1.41
N LEU B 300 4.63 -7.73 -1.91
CA LEU B 300 4.82 -9.18 -2.05
C LEU B 300 4.84 -10.00 -0.76
N TYR B 301 5.54 -9.46 0.23
CA TYR B 301 6.06 -10.25 1.32
C TYR B 301 4.98 -11.05 2.02
N GLY B 302 3.91 -10.36 2.40
CA GLY B 302 2.79 -11.00 3.10
C GLY B 302 2.06 -11.99 2.24
N ALA B 303 1.98 -11.68 0.95
CA ALA B 303 1.30 -12.56 0.01
C ALA B 303 2.05 -13.88 -0.17
N TRP B 304 3.38 -13.80 -0.27
CA TRP B 304 4.22 -15.00 -0.26
C TRP B 304 3.92 -15.86 0.92
N VAL B 305 3.97 -15.27 2.10
CA VAL B 305 3.86 -16.03 3.35
C VAL B 305 2.51 -16.73 3.40
N VAL B 306 1.42 -16.00 3.25
CA VAL B 306 0.08 -16.58 3.31
C VAL B 306 -0.11 -17.64 2.22
N SER B 307 0.35 -17.37 1.02
CA SER B 307 0.25 -18.36 -0.07
C SER B 307 1.04 -19.63 0.24
N SER B 308 2.26 -19.46 0.70
CA SER B 308 3.10 -20.61 1.02
C SER B 308 2.52 -21.46 2.14
N ILE B 309 2.05 -20.82 3.21
CA ILE B 309 1.44 -21.54 4.34
C ILE B 309 0.23 -22.35 3.89
N LEU B 310 -0.70 -21.69 3.22
CA LEU B 310 -1.98 -22.32 2.89
C LEU B 310 -1.87 -23.42 1.82
N LYS B 311 -0.81 -23.40 1.03
CA LYS B 311 -0.55 -24.48 0.05
C LYS B 311 0.26 -25.66 0.62
N ASP B 312 0.81 -25.51 1.82
CA ASP B 312 1.64 -26.56 2.43
C ASP B 312 0.85 -27.19 3.57
N PRO B 313 0.57 -28.51 3.50
CA PRO B 313 -0.28 -29.10 4.54
C PRO B 313 0.33 -29.05 5.94
N GLN B 314 1.67 -29.14 6.03
CA GLN B 314 2.37 -29.02 7.31
C GLN B 314 2.24 -27.62 7.87
N LEU B 315 2.48 -26.59 7.06
CA LEU B 315 2.38 -25.20 7.54
C LEU B 315 0.95 -24.84 7.90
N THR B 316 -0.01 -25.32 7.12
CA THR B 316 -1.42 -25.06 7.40
C THR B 316 -1.84 -25.69 8.74
N ALA B 317 -1.45 -26.94 8.98
CA ALA B 317 -1.80 -27.59 10.26
C ALA B 317 -1.13 -26.86 11.46
N LEU B 318 0.11 -26.41 11.27
CA LEU B 318 0.82 -25.66 12.32
C LEU B 318 0.08 -24.36 12.60
N TRP B 319 -0.23 -23.65 11.53
CA TRP B 319 -0.94 -22.38 11.62
C TRP B 319 -2.21 -22.54 12.42
N LYS B 320 -2.98 -23.58 12.13
CA LYS B 320 -4.24 -23.80 12.82
C LYS B 320 -4.01 -23.99 14.32
N LYS B 321 -2.97 -24.73 14.69
CA LYS B 321 -2.69 -24.93 16.12
C LYS B 321 -2.18 -23.63 16.77
N GLU B 322 -1.39 -22.85 16.03
CA GLU B 322 -0.92 -21.58 16.58
C GLU B 322 -2.07 -20.59 16.78
N LEU B 323 -3.03 -20.60 15.87
CA LEU B 323 -4.23 -19.80 16.02
C LEU B 323 -4.98 -20.13 17.30
N LYS B 324 -5.15 -21.43 17.55
CA LYS B 324 -5.82 -21.88 18.77
C LYS B 324 -5.07 -21.46 20.00
N GLN B 325 -3.74 -21.50 19.95
CA GLN B 325 -2.94 -21.10 21.11
C GLN B 325 -3.12 -19.59 21.38
N MET B 326 -3.16 -18.78 20.33
CA MET B 326 -3.36 -17.34 20.49
C MET B 326 -4.75 -17.08 21.07
N SER B 327 -5.76 -17.69 20.46
CA SER B 327 -7.12 -17.49 20.86
C SER B 327 -7.43 -18.05 22.27
N SER B 328 -6.81 -19.16 22.63
CA SER B 328 -6.96 -19.73 23.97
C SER B 328 -6.32 -18.88 25.05
N ARG B 329 -5.17 -18.27 24.75
CA ARG B 329 -4.51 -17.40 25.72
C ARG B 329 -5.40 -16.21 26.02
N ILE B 330 -5.95 -15.60 24.97
CA ILE B 330 -6.80 -14.42 25.14
C ILE B 330 -8.01 -14.81 26.03
N ALA B 331 -8.70 -15.92 25.69
CA ALA B 331 -9.89 -16.35 26.47
C ALA B 331 -9.51 -16.77 27.90
N GLU B 332 -8.34 -17.37 28.08
CA GLU B 332 -7.90 -17.74 29.44
C GLU B 332 -7.54 -16.53 30.28
N VAL B 333 -6.93 -15.51 29.69
CA VAL B 333 -6.59 -14.34 30.48
C VAL B 333 -7.84 -13.53 30.83
N ARG B 334 -8.85 -13.55 29.97
CA ARG B 334 -10.13 -12.93 30.29
C ARG B 334 -10.73 -13.63 31.52
N LYS B 335 -10.71 -14.97 31.48
CA LYS B 335 -11.29 -15.80 32.51
C LYS B 335 -10.51 -15.63 33.79
N ARG B 336 -9.21 -15.41 33.66
CA ARG B 336 -8.36 -15.20 34.84
C ARG B 336 -8.62 -13.84 35.49
N LEU B 337 -8.78 -12.81 34.68
CA LEU B 337 -9.05 -11.46 35.18
C LEU B 337 -10.34 -11.50 35.98
N VAL B 338 -11.37 -12.12 35.43
CA VAL B 338 -12.63 -12.30 36.17
C VAL B 338 -12.43 -13.03 37.49
N SER B 339 -11.66 -14.12 37.51
CA SER B 339 -11.53 -14.89 38.75
C SER B 339 -10.66 -14.16 39.77
N GLU B 340 -9.67 -13.41 39.28
CA GLU B 340 -8.84 -12.58 40.16
C GLU B 340 -9.61 -11.43 40.73
N LEU B 341 -10.51 -10.86 39.93
CA LEU B 341 -11.38 -9.80 40.45
C LEU B 341 -12.25 -10.31 41.61
N LYS B 342 -12.83 -11.49 41.45
CA LYS B 342 -13.60 -12.11 42.51
C LYS B 342 -12.73 -12.39 43.73
N ALA B 343 -11.52 -12.91 43.51
CA ALA B 343 -10.59 -13.22 44.63
C ALA B 343 -10.12 -11.97 45.37
N CYS B 344 -10.06 -10.83 44.68
CA CYS B 344 -9.72 -9.54 45.30
C CYS B 344 -10.88 -9.00 46.17
N GLY B 345 -12.07 -9.58 46.04
CA GLY B 345 -13.26 -9.12 46.78
C GLY B 345 -14.23 -8.27 45.97
N SER B 346 -14.03 -8.12 44.66
CA SER B 346 -15.01 -7.36 43.88
C SER B 346 -16.39 -8.03 43.97
N VAL B 347 -17.41 -7.22 44.19
CA VAL B 347 -18.79 -7.70 44.21
C VAL B 347 -19.54 -7.29 42.94
N HIS B 348 -18.85 -6.64 42.00
CA HIS B 348 -19.45 -6.29 40.73
C HIS B 348 -19.42 -7.45 39.79
N ASP B 349 -20.29 -7.40 38.77
CA ASP B 349 -20.32 -8.43 37.75
C ASP B 349 -19.35 -8.14 36.61
N TRP B 350 -18.51 -9.12 36.31
CA TRP B 350 -17.51 -9.08 35.24
C TRP B 350 -17.68 -10.17 34.22
N SER B 351 -18.86 -10.78 34.19
CA SER B 351 -19.11 -11.92 33.27
C SER B 351 -19.00 -11.50 31.82
N HIS B 352 -19.31 -10.25 31.52
CA HIS B 352 -19.05 -9.72 30.17
C HIS B 352 -17.62 -9.88 29.67
N ILE B 353 -16.64 -9.84 30.58
CA ILE B 353 -15.25 -10.03 30.22
C ILE B 353 -15.00 -11.42 29.62
N GLU B 354 -15.72 -12.44 30.09
CA GLU B 354 -15.59 -13.83 29.54
C GLU B 354 -16.53 -14.12 28.40
N ARG B 355 -17.68 -13.47 28.36
CA ARG B 355 -18.62 -13.63 27.26
C ARG B 355 -18.07 -12.98 25.99
N GLN B 356 -17.37 -11.85 26.15
CA GLN B 356 -16.77 -11.16 25.00
C GLN B 356 -15.70 -12.04 24.38
N VAL B 357 -15.42 -11.80 23.11
CA VAL B 357 -14.56 -12.65 22.32
C VAL B 357 -13.51 -11.79 21.64
N GLY B 358 -12.25 -12.24 21.74
CA GLY B 358 -11.16 -11.60 21.04
C GLY B 358 -10.35 -10.69 21.90
N MET B 359 -9.55 -9.89 21.23
CA MET B 359 -8.47 -9.12 21.83
C MET B 359 -8.96 -7.84 22.55
N MET B 360 -10.13 -7.35 22.18
CA MET B 360 -10.61 -6.08 22.69
C MET B 360 -11.81 -6.30 23.59
N ALA B 361 -11.81 -5.65 24.74
CA ALA B 361 -12.87 -5.78 25.73
C ALA B 361 -13.32 -4.38 26.14
N TYR B 362 -14.62 -4.13 26.05
CA TYR B 362 -15.25 -3.00 26.74
C TYR B 362 -15.46 -3.45 28.18
N THR B 363 -14.62 -2.88 29.05
CA THR B 363 -14.59 -3.25 30.47
C THR B 363 -15.78 -2.76 31.24
N GLY B 364 -16.35 -1.65 30.81
CA GLY B 364 -17.42 -1.00 31.54
C GLY B 364 -16.94 -0.07 32.63
N LEU B 365 -15.65 0.19 32.68
CA LEU B 365 -15.09 1.22 33.57
C LEU B 365 -15.47 2.62 33.06
N THR B 366 -15.73 3.56 33.97
CA THR B 366 -16.04 4.94 33.57
C THR B 366 -14.76 5.71 33.19
N ARG B 367 -14.93 6.90 32.60
CA ARG B 367 -13.79 7.77 32.28
C ARG B 367 -12.95 8.04 33.52
N GLU B 368 -13.61 8.48 34.59
CA GLU B 368 -12.94 8.73 35.87
C GLU B 368 -12.10 7.51 36.31
N GLN B 369 -12.69 6.31 36.19
CA GLN B 369 -12.04 5.08 36.61
C GLN B 369 -10.83 4.73 35.74
N VAL B 370 -10.99 4.91 34.43
CA VAL B 370 -9.88 4.75 33.51
C VAL B 370 -8.73 5.72 33.87
N GLU B 371 -9.08 6.96 34.20
CA GLU B 371 -8.07 7.99 34.52
C GLU B 371 -7.30 7.70 35.83
N LEU B 372 -8.01 7.18 36.84
CA LEU B 372 -7.37 6.77 38.08
C LEU B 372 -6.47 5.53 37.89
N LEU B 373 -6.88 4.58 37.04
CA LEU B 373 -6.02 3.43 36.74
C LEU B 373 -4.70 3.92 36.15
N ARG B 374 -4.80 4.86 35.22
CA ARG B 374 -3.61 5.49 34.67
C ARG B 374 -2.79 6.23 35.75
N SER B 375 -3.40 7.16 36.47
CA SER B 375 -2.67 8.01 37.43
C SER B 375 -2.09 7.23 38.58
N GLU B 376 -2.92 6.48 39.28
CA GLU B 376 -2.47 5.78 40.50
C GLU B 376 -1.74 4.45 40.19
N TYR B 377 -2.09 3.80 39.07
CA TYR B 377 -1.61 2.43 38.80
C TYR B 377 -0.80 2.26 37.52
N HIS B 378 -0.77 3.28 36.66
CA HIS B 378 0.02 3.25 35.42
C HIS B 378 -0.43 2.17 34.48
N ILE B 379 -1.75 1.93 34.46
CA ILE B 379 -2.41 1.00 33.54
C ILE B 379 -3.12 1.85 32.52
N TYR B 380 -2.82 1.64 31.26
CA TYR B 380 -3.26 2.53 30.20
C TYR B 380 -4.33 1.90 29.33
N MET B 381 -5.52 2.50 29.33
CA MET B 381 -6.61 2.16 28.43
C MET B 381 -7.15 3.43 27.77
N THR B 382 -7.90 3.26 26.69
CA THR B 382 -8.76 4.32 26.17
C THR B 382 -9.79 4.75 27.20
N LEU B 383 -10.20 6.00 27.09
CA LEU B 383 -11.13 6.61 28.02
C LEU B 383 -12.56 6.02 27.96
N ASN B 384 -12.91 5.34 26.86
CA ASN B 384 -14.20 4.61 26.75
C ASN B 384 -14.16 3.22 27.43
N GLY B 385 -13.11 2.90 28.17
CA GLY B 385 -13.02 1.66 28.94
C GLY B 385 -12.62 0.44 28.14
N ARG B 386 -12.09 0.64 26.94
CA ARG B 386 -11.61 -0.46 26.12
C ARG B 386 -10.25 -0.92 26.63
N ALA B 387 -10.11 -2.23 26.79
CA ALA B 387 -8.87 -2.83 27.23
C ALA B 387 -8.43 -3.81 26.15
N ALA B 388 -7.19 -3.70 25.69
CA ALA B 388 -6.62 -4.68 24.81
C ALA B 388 -6.17 -5.80 25.71
N VAL B 389 -6.92 -6.89 25.74
CA VAL B 389 -6.66 -7.96 26.73
C VAL B 389 -5.39 -8.77 26.44
N SER B 390 -4.87 -8.65 25.23
CA SER B 390 -3.61 -9.26 24.83
C SER B 390 -2.44 -8.72 25.63
N GLY B 391 -2.60 -7.51 26.18
CA GLY B 391 -1.59 -6.92 27.06
C GLY B 391 -1.61 -7.42 28.47
N LEU B 392 -2.60 -8.26 28.79
CA LEU B 392 -2.63 -8.94 30.09
C LEU B 392 -1.94 -10.27 29.95
N ASN B 393 -1.21 -10.67 30.98
CA ASN B 393 -0.53 -11.97 30.97
C ASN B 393 -0.28 -12.45 32.38
N SER B 394 0.40 -13.60 32.52
CA SER B 394 0.77 -14.19 33.83
C SER B 394 1.46 -13.22 34.77
N THR B 395 2.21 -12.31 34.17
CA THR B 395 3.11 -11.44 34.89
C THR B 395 2.41 -10.23 35.51
N ASN B 396 1.28 -9.83 34.93
CA ASN B 396 0.60 -8.61 35.36
C ASN B 396 -0.89 -8.77 35.66
N VAL B 397 -1.48 -9.93 35.41
CA VAL B 397 -2.96 -10.06 35.53
C VAL B 397 -3.43 -9.79 36.95
N GLU B 398 -2.67 -10.24 37.96
CA GLU B 398 -3.03 -10.09 39.39
C GLU B 398 -3.04 -8.63 39.80
N TYR B 399 -2.00 -7.91 39.38
CA TYR B 399 -1.86 -6.49 39.65
C TYR B 399 -3.00 -5.70 39.00
N VAL B 400 -3.27 -5.97 37.73
CA VAL B 400 -4.30 -5.23 37.03
C VAL B 400 -5.66 -5.50 37.69
N SER B 401 -5.90 -6.75 38.06
CA SER B 401 -7.12 -7.10 38.74
C SER B 401 -7.31 -6.31 40.04
N GLN B 402 -6.26 -6.26 40.87
CA GLN B 402 -6.30 -5.51 42.12
C GLN B 402 -6.64 -4.03 41.88
N ALA B 403 -5.94 -3.42 40.93
CA ALA B 403 -6.18 -2.04 40.57
C ALA B 403 -7.63 -1.80 40.09
N ILE B 404 -8.14 -2.70 39.25
CA ILE B 404 -9.52 -2.54 38.73
C ILE B 404 -10.53 -2.61 39.86
N HIS B 405 -10.29 -3.52 40.80
CA HIS B 405 -11.12 -3.63 41.99
C HIS B 405 -11.04 -2.39 42.84
N ASN B 406 -9.82 -1.92 43.10
CA ASN B 406 -9.62 -0.73 43.93
C ASN B 406 -10.36 0.50 43.39
N VAL B 407 -10.39 0.64 42.06
CA VAL B 407 -11.03 1.81 41.45
C VAL B 407 -12.54 1.65 41.21
N THR B 408 -13.10 0.45 41.40
CA THR B 408 -14.54 0.22 41.19
C THR B 408 -15.31 -0.10 42.46
N LYS B 409 -14.61 -0.30 43.58
CA LYS B 409 -15.20 -0.89 44.77
C LYS B 409 -16.03 0.07 45.54
C1 EDO C . 5.98 -5.80 2.98
O1 EDO C . 6.80 -5.38 4.09
C2 EDO C . 6.58 -5.30 1.67
O2 EDO C . 6.78 -6.38 0.77
CL CL D . 24.87 21.46 -11.85
CL CL E . 26.48 -5.39 -24.82
CL CL F . 24.11 -5.90 -13.14
C1 EDO G . 14.50 6.11 -36.57
O1 EDO G . 14.30 7.05 -35.51
C2 EDO G . 15.90 6.28 -37.13
O2 EDO G . 16.24 7.66 -37.09
CL CL H . -23.91 -22.82 12.11
CL CL I . -2.95 -16.16 32.66
C1 EDO J . -18.31 -2.60 35.72
O1 EDO J . -18.48 -2.79 34.32
C2 EDO J . -18.42 -3.95 36.41
O2 EDO J . -19.75 -4.45 36.26
#